data_4L25
# 
_entry.id   4L25 
# 
_audit_conform.dict_name       mmcif_pdbx.dic 
_audit_conform.dict_version    5.381 
_audit_conform.dict_location   http://mmcif.pdb.org/dictionaries/ascii/mmcif_pdbx.dic 
# 
loop_
_database_2.database_id 
_database_2.database_code 
_database_2.pdbx_database_accession 
_database_2.pdbx_DOI 
PDB   4L25         pdb_00004l25 10.2210/pdb4l25/pdb 
NDB   NA2492       ?            ?                   
RCSB  RCSB080085   ?            ?                   
WWPDB D_1000080085 ?            ?                   
# 
loop_
_pdbx_database_related.db_name 
_pdbx_database_related.db_id 
_pdbx_database_related.details 
_pdbx_database_related.content_type 
PDB 4L24 . unspecified 
PDB 4L26 . unspecified 
# 
_pdbx_database_status.entry_id                        4L25 
_pdbx_database_status.methods_development_category    ? 
_pdbx_database_status.deposit_site                    RCSB 
_pdbx_database_status.process_site                    PDBJ 
_pdbx_database_status.recvd_initial_deposition_date   2013-06-04 
_pdbx_database_status.status_code                     REL 
_pdbx_database_status.status_code_sf                  REL 
_pdbx_database_status.status_code_mr                  ? 
_pdbx_database_status.SG_entry                        ? 
_pdbx_database_status.status_code_cs                  ? 
_pdbx_database_status.pdb_format_compatible           Y 
_pdbx_database_status.status_code_nmr_data            ? 
# 
loop_
_audit_author.name 
_audit_author.pdbx_ordinal 
'Kondo, J.'  1 
'Yamada, T.' 2 
'Hirose, C.' 3 
'Tanaka, Y.' 4 
'Ono, A.'    5 
# 
_citation.id                        primary 
_citation.title                     
'Crystal Structure of Metallo DNA Duplex Containing Consecutive Watson-Crick-like T-Hg(II) -T Base Pairs' 
_citation.journal_abbrev            Angew.Chem.Int.Ed.Engl. 
_citation.journal_volume            53 
_citation.page_first                2385 
_citation.page_last                 2388 
_citation.year                      2014 
_citation.journal_id_ASTM           ? 
_citation.country                   GE 
_citation.journal_id_ISSN           1433-7851 
_citation.journal_id_CSD            9999 
_citation.book_publisher            ? 
_citation.pdbx_database_id_PubMed   24478025 
_citation.pdbx_database_id_DOI      10.1002/anie.201309066 
# 
loop_
_citation_author.citation_id 
_citation_author.name 
_citation_author.ordinal 
_citation_author.identifier_ORCID 
primary 'Kondo, J.'   1 ? 
primary 'Yamada, T.'  2 ? 
primary 'Hirose, C.'  3 ? 
primary 'Okamoto, I.' 4 ? 
primary 'Tanaka, Y.'  5 ? 
primary 'Ono, A.'     6 ? 
# 
_cell.length_a           27.340 
_cell.length_b           39.330 
_cell.length_c           30.680 
_cell.angle_alpha        90.000 
_cell.angle_beta         98.280 
_cell.angle_gamma        90.000 
_cell.entry_id           4L25 
_cell.pdbx_unique_axis   ? 
_cell.Z_PDB              4 
_cell.length_a_esd       ? 
_cell.length_b_esd       ? 
_cell.length_c_esd       ? 
_cell.angle_alpha_esd    ? 
_cell.angle_beta_esd     ? 
_cell.angle_gamma_esd    ? 
# 
_symmetry.space_group_name_H-M             'P 1 21 1' 
_symmetry.entry_id                         4L25 
_symmetry.pdbx_full_space_group_name_H-M   ? 
_symmetry.Int_Tables_number                4 
_symmetry.cell_setting                     ? 
_symmetry.space_group_name_Hall            ? 
# 
loop_
_entity.id 
_entity.type 
_entity.src_method 
_entity.pdbx_description 
_entity.formula_weight 
_entity.pdbx_number_of_molecules 
_entity.pdbx_ec 
_entity.pdbx_mutation 
_entity.pdbx_fragment 
_entity.details 
1 polymer syn 
;DNA (5'-D(*CP*GP*CP*GP*AP*TP*TP*TP*CP*GP*CP*G)-3')
;
3654.378 2   ? ? ? ? 
2 water   nat water                                                18.015   170 ? ? ? ? 
# 
_entity_poly.entity_id                      1 
_entity_poly.type                           polydeoxyribonucleotide 
_entity_poly.nstd_linkage                   no 
_entity_poly.nstd_monomer                   no 
_entity_poly.pdbx_seq_one_letter_code       '(DC)(DG)(DC)(DG)(DA)(DT)(DT)(DT)(DC)(DG)(DC)(DG)' 
_entity_poly.pdbx_seq_one_letter_code_can   CGCGATTTCGCG 
_entity_poly.pdbx_strand_id                 A,B 
_entity_poly.pdbx_target_identifier         ? 
# 
loop_
_entity_poly_seq.entity_id 
_entity_poly_seq.num 
_entity_poly_seq.mon_id 
_entity_poly_seq.hetero 
1 1  DC n 
1 2  DG n 
1 3  DC n 
1 4  DG n 
1 5  DA n 
1 6  DT n 
1 7  DT n 
1 8  DT n 
1 9  DC n 
1 10 DG n 
1 11 DC n 
1 12 DG n 
# 
_pdbx_entity_src_syn.entity_id              1 
_pdbx_entity_src_syn.pdbx_src_id            1 
_pdbx_entity_src_syn.pdbx_alt_source_flag   sample 
_pdbx_entity_src_syn.pdbx_beg_seq_num       ? 
_pdbx_entity_src_syn.pdbx_end_seq_num       ? 
_pdbx_entity_src_syn.organism_scientific    ? 
_pdbx_entity_src_syn.organism_common_name   ? 
_pdbx_entity_src_syn.ncbi_taxonomy_id       ? 
_pdbx_entity_src_syn.details                'Chemically synthesized' 
# 
_struct_ref.id                         1 
_struct_ref.db_name                    PDB 
_struct_ref.db_code                    4L25 
_struct_ref.pdbx_db_accession          4L25 
_struct_ref.entity_id                  1 
_struct_ref.pdbx_align_begin           ? 
_struct_ref.pdbx_seq_one_letter_code   ? 
_struct_ref.pdbx_db_isoform            ? 
# 
loop_
_struct_ref_seq.align_id 
_struct_ref_seq.ref_id 
_struct_ref_seq.pdbx_PDB_id_code 
_struct_ref_seq.pdbx_strand_id 
_struct_ref_seq.seq_align_beg 
_struct_ref_seq.pdbx_seq_align_beg_ins_code 
_struct_ref_seq.seq_align_end 
_struct_ref_seq.pdbx_seq_align_end_ins_code 
_struct_ref_seq.pdbx_db_accession 
_struct_ref_seq.db_align_beg 
_struct_ref_seq.pdbx_db_align_beg_ins_code 
_struct_ref_seq.db_align_end 
_struct_ref_seq.pdbx_db_align_end_ins_code 
_struct_ref_seq.pdbx_auth_seq_align_beg 
_struct_ref_seq.pdbx_auth_seq_align_end 
1 1 4L25 A 1 ? 12 ? 4L25 1 ? 12 ? 1 12 
2 1 4L25 B 1 ? 12 ? 4L25 1 ? 12 ? 1 12 
# 
loop_
_chem_comp.id 
_chem_comp.type 
_chem_comp.mon_nstd_flag 
_chem_comp.name 
_chem_comp.pdbx_synonyms 
_chem_comp.formula 
_chem_comp.formula_weight 
DA  'DNA linking' y "2'-DEOXYADENOSINE-5'-MONOPHOSPHATE" ? 'C10 H14 N5 O6 P' 331.222 
DC  'DNA linking' y "2'-DEOXYCYTIDINE-5'-MONOPHOSPHATE"  ? 'C9 H14 N3 O7 P'  307.197 
DG  'DNA linking' y "2'-DEOXYGUANOSINE-5'-MONOPHOSPHATE" ? 'C10 H14 N5 O7 P' 347.221 
DT  'DNA linking' y "THYMIDINE-5'-MONOPHOSPHATE"         ? 'C10 H15 N2 O8 P' 322.208 
HOH non-polymer   . WATER                                ? 'H2 O'            18.015  
# 
_exptl.crystals_number   1 
_exptl.entry_id          4L25 
_exptl.method            'X-RAY DIFFRACTION' 
# 
_exptl_crystal.id                    1 
_exptl_crystal.pdbx_mosaicity        ? 
_exptl_crystal.pdbx_mosaicity_esd    ? 
_exptl_crystal.density_Matthews      2.23 
_exptl_crystal.density_diffrn        ? 
_exptl_crystal.density_meas          ? 
_exptl_crystal.density_meas_temp     ? 
_exptl_crystal.density_percent_sol   44.92 
_exptl_crystal.size_max              ? 
_exptl_crystal.size_mid              ? 
_exptl_crystal.size_min              ? 
_exptl_crystal.size_rad              ? 
_exptl_crystal.description           ? 
_exptl_crystal.F_000                 ? 
_exptl_crystal.preparation           ? 
# 
_exptl_crystal_grow.crystal_id      1 
_exptl_crystal_grow.method          'VAPOR DIFFUSION, HANGING DROP' 
_exptl_crystal_grow.pH              7.0 
_exptl_crystal_grow.temp            277 
_exptl_crystal_grow.temp_details    ? 
_exptl_crystal_grow.pdbx_details    
;Sodium Cacodylate, Spermine tetrahydrochloride, 2-methyl-2,4-pentanediol, ammonium chloride , pH 7.0, VAPOR DIFFUSION, HANGING DROP, temperature 277K
;
_exptl_crystal_grow.pdbx_pH_range   . 
# 
_diffrn.id                     1 
_diffrn.ambient_temp           100 
_diffrn.ambient_temp_details   ? 
_diffrn.crystal_id             1 
# 
_diffrn_detector.diffrn_id              1 
_diffrn_detector.detector               ? 
_diffrn_detector.type                   ? 
_diffrn_detector.pdbx_collection_date   2011-10-16 
_diffrn_detector.details                ? 
# 
_diffrn_radiation.diffrn_id                        1 
_diffrn_radiation.wavelength_id                    1 
_diffrn_radiation.pdbx_diffrn_protocol             'SINGLE WAVELENGTH' 
_diffrn_radiation.monochromator                    ? 
_diffrn_radiation.pdbx_monochromatic_or_laue_m_l   M 
_diffrn_radiation.pdbx_scattering_type             x-ray 
# 
_diffrn_radiation_wavelength.id           1 
_diffrn_radiation_wavelength.wavelength   1.0 
_diffrn_radiation_wavelength.wt           1.0 
# 
_diffrn_source.diffrn_id                   1 
_diffrn_source.source                      SYNCHROTRON 
_diffrn_source.type                        'PHOTON FACTORY BEAMLINE BL-1A' 
_diffrn_source.pdbx_wavelength             ? 
_diffrn_source.pdbx_wavelength_list        1.0 
_diffrn_source.pdbx_synchrotron_site       'Photon Factory' 
_diffrn_source.pdbx_synchrotron_beamline   BL-1A 
# 
_reflns.entry_id                     4L25 
_reflns.observed_criterion_sigma_F   ? 
_reflns.observed_criterion_sigma_I   ? 
_reflns.d_resolution_high            1.1 
_reflns.d_resolution_low             19.1 
_reflns.number_all                   ? 
_reflns.number_obs                   24441 
_reflns.percent_possible_obs         ? 
_reflns.pdbx_Rmerge_I_obs            ? 
_reflns.pdbx_Rsym_value              ? 
_reflns.pdbx_netI_over_sigmaI        ? 
_reflns.B_iso_Wilson_estimate        ? 
_reflns.pdbx_redundancy              ? 
_reflns.R_free_details               ? 
_reflns.limit_h_max                  ? 
_reflns.limit_h_min                  ? 
_reflns.limit_k_max                  ? 
_reflns.limit_k_min                  ? 
_reflns.limit_l_max                  ? 
_reflns.limit_l_min                  ? 
_reflns.observed_criterion_F_max     ? 
_reflns.observed_criterion_F_min     ? 
_reflns.pdbx_chi_squared             ? 
_reflns.pdbx_scaling_rejects         ? 
_reflns.pdbx_ordinal                 1 
_reflns.pdbx_diffrn_id               1 
# 
_refine.entry_id                                 4L25 
_refine.ls_d_res_high                            1.1000 
_refine.ls_d_res_low                             19.08 
_refine.pdbx_ls_sigma_F                          0.000 
_refine.pdbx_data_cutoff_high_absF               ? 
_refine.pdbx_data_cutoff_low_absF                ? 
_refine.ls_percent_reflns_obs                    93.1000 
_refine.ls_number_reflns_obs                     24438 
_refine.ls_number_reflns_all                     ? 
_refine.pdbx_ls_cross_valid_method               ? 
_refine.pdbx_R_Free_selection_details            ? 
_refine.details                                  ? 
_refine.ls_R_factor_all                          ? 
_refine.ls_R_factor_obs                          ? 
_refine.ls_R_factor_R_work                       0.2305 
_refine.ls_wR_factor_R_work                      ? 
_refine.ls_R_factor_R_free                       0.2405 
_refine.ls_wR_factor_R_free                      ? 
_refine.ls_percent_reflns_R_free                 9.2000 
_refine.ls_number_reflns_R_free                  2409 
_refine.ls_R_factor_R_free_error                 ? 
_refine.B_iso_mean                               15.1144 
_refine.solvent_model_param_bsol                 50.0215 
_refine.solvent_model_param_ksol                 ? 
_refine.pdbx_isotropic_thermal_model             ? 
_refine.aniso_B[1][1]                            -0.0690 
_refine.aniso_B[2][2]                            -2.2110 
_refine.aniso_B[3][3]                            2.2800 
_refine.aniso_B[1][2]                            0.0000 
_refine.aniso_B[1][3]                            3.4160 
_refine.aniso_B[2][3]                            0.0000 
_refine.correlation_coeff_Fo_to_Fc               ? 
_refine.correlation_coeff_Fo_to_Fc_free          ? 
_refine.overall_SU_R_Cruickshank_DPI             ? 
_refine.overall_SU_R_free                        ? 
_refine.pdbx_overall_ESU_R                       ? 
_refine.pdbx_overall_ESU_R_Free                  ? 
_refine.overall_SU_ML                            ? 
_refine.overall_SU_B                             ? 
_refine.solvent_model_details                    ? 
_refine.pdbx_solvent_vdw_probe_radii             ? 
_refine.pdbx_solvent_ion_probe_radii             ? 
_refine.pdbx_solvent_shrinkage_radii             ? 
_refine.ls_number_parameters                     ? 
_refine.ls_number_restraints                     ? 
_refine.pdbx_starting_model                      4L26 
_refine.pdbx_method_to_determine_struct          'MOLECULAR REPLACEMENT' 
_refine.pdbx_stereochemistry_target_values       ? 
_refine.pdbx_stereochem_target_val_spec_case     ? 
_refine.overall_FOM_work_R_set                   ? 
_refine.B_iso_max                                51.240 
_refine.B_iso_min                                6.300 
_refine.pdbx_overall_phase_error                 ? 
_refine.occupancy_max                            1.000 
_refine.occupancy_min                            0.500 
_refine.pdbx_ls_sigma_I                          ? 
_refine.ls_redundancy_reflns_obs                 ? 
_refine.ls_R_factor_R_free_error_details         ? 
_refine.pdbx_data_cutoff_high_rms_absF           ? 
_refine.overall_FOM_free_R_set                   ? 
_refine.pdbx_diffrn_id                           1 
_refine.pdbx_refine_id                           'X-RAY DIFFRACTION' 
_refine.pdbx_TLS_residual_ADP_flag               ? 
_refine.pdbx_overall_SU_R_free_Cruickshank_DPI   ? 
_refine.pdbx_overall_SU_R_Blow_DPI               ? 
_refine.pdbx_overall_SU_R_free_Blow_DPI          ? 
# 
_refine_hist.pdbx_refine_id                   'X-RAY DIFFRACTION' 
_refine_hist.cycle_id                         LAST 
_refine_hist.pdbx_number_atoms_protein        0 
_refine_hist.pdbx_number_atoms_nucleic_acid   484 
_refine_hist.pdbx_number_atoms_ligand         0 
_refine_hist.number_atoms_solvent             170 
_refine_hist.number_atoms_total               654 
_refine_hist.d_res_high                       1.1000 
_refine_hist.d_res_low                        19.08 
# 
loop_
_refine_ls_restr.type 
_refine_ls_restr.number 
_refine_ls_restr.dev_ideal 
_refine_ls_restr.dev_ideal_target 
_refine_ls_restr.weight 
_refine_ls_restr.pdbx_restraint_function 
_refine_ls_restr.pdbx_refine_id 
c_bond_d     ? 0.003 ?     ? ? 'X-RAY DIFFRACTION' 
c_angle_deg  ? 0.895 ?     ? ? 'X-RAY DIFFRACTION' 
c_mcbond_it  ? 1.013 1.500 ? ? 'X-RAY DIFFRACTION' 
c_mcangle_it ? 1.462 2.000 ? ? 'X-RAY DIFFRACTION' 
# 
loop_
_refine_ls_shell.d_res_high 
_refine_ls_shell.d_res_low 
_refine_ls_shell.pdbx_total_number_of_bins_used 
_refine_ls_shell.percent_reflns_obs 
_refine_ls_shell.number_reflns_R_work 
_refine_ls_shell.R_factor_all 
_refine_ls_shell.R_factor_R_work 
_refine_ls_shell.R_factor_R_free 
_refine_ls_shell.percent_reflns_R_free 
_refine_ls_shell.number_reflns_R_free 
_refine_ls_shell.R_factor_R_free_error 
_refine_ls_shell.number_reflns_all 
_refine_ls_shell.number_reflns_obs 
_refine_ls_shell.pdbx_refine_id 
_refine_ls_shell.redundancy_reflns_obs 
1.1000 1.1400   10 91.6000 2173 . 0.3527 0.3521 . 251 . 2424 . 'X-RAY DIFFRACTION' . 
1.1400 1.1800   10 91.8000 2141 . 0.3190 0.3317 . 233 . 2374 . 'X-RAY DIFFRACTION' . 
1.1800 1.2400   10 92.9000 2186 . 0.2756 0.2816 . 219 . 2405 . 'X-RAY DIFFRACTION' . 
1.2400 1.3000   10 93.5000 2217 . 0.2775 0.2840 . 238 . 2455 . 'X-RAY DIFFRACTION' . 
1.3000 1.3900   10 94.3000 2214 . 0.2690 0.2625 . 248 . 2462 . 'X-RAY DIFFRACTION' . 
1.3900 1.4900   10 95.4000 2233 . 0.2432 0.2482 . 245 . 2478 . 'X-RAY DIFFRACTION' . 
1.4900 1.6400   10 95.9000 2288 . 0.2262 0.2440 . 241 . 2529 . 'X-RAY DIFFRACTION' . 
1.6400 1.8800   10 97.1000 2268 . 0.2039 0.2232 . 268 . 2536 . 'X-RAY DIFFRACTION' . 
1.8800 2.3700   10 97.8000 2333 . 0.2044 0.2184 . 261 . 2594 . 'X-RAY DIFFRACTION' . 
2.3700 100.0000 10 81.5000 1976 . 0.2173 0.2237 . 205 . 2181 . 'X-RAY DIFFRACTION' . 
# 
loop_
_pdbx_xplor_file.pdbx_refine_id 
_pdbx_xplor_file.serial_no 
_pdbx_xplor_file.param_file 
_pdbx_xplor_file.topol_file 
'X-RAY DIFFRACTION' 1 dna-rna_free.param ? 
'X-RAY DIFFRACTION' 2 water_rep.param    ? 
'X-RAY DIFFRACTION' 3 ion.param          ? 
# 
_struct.entry_id                  4L25 
_struct.title                     'Crystal structure of DNA duplex containing consecutive T-T mispairs' 
_struct.pdbx_model_details        ? 
_struct.pdbx_CASP_flag            ? 
_struct.pdbx_model_type_details   ? 
# 
_struct_keywords.entry_id        4L25 
_struct_keywords.pdbx_keywords   DNA 
_struct_keywords.text            'T-T mispair, A-T-T triplet, non-helical DNA duplex, DNA' 
# 
loop_
_struct_asym.id 
_struct_asym.pdbx_blank_PDB_chainid_flag 
_struct_asym.pdbx_modified 
_struct_asym.entity_id 
_struct_asym.details 
A N N 1 ? 
B N N 1 ? 
C N N 2 ? 
D N N 2 ? 
# 
_struct_biol.id        1 
_struct_biol.details   ? 
# 
loop_
_struct_conn.id 
_struct_conn.conn_type_id 
_struct_conn.pdbx_leaving_atom_flag 
_struct_conn.pdbx_PDB_id 
_struct_conn.ptnr1_label_asym_id 
_struct_conn.ptnr1_label_comp_id 
_struct_conn.ptnr1_label_seq_id 
_struct_conn.ptnr1_label_atom_id 
_struct_conn.pdbx_ptnr1_label_alt_id 
_struct_conn.pdbx_ptnr1_PDB_ins_code 
_struct_conn.pdbx_ptnr1_standard_comp_id 
_struct_conn.ptnr1_symmetry 
_struct_conn.ptnr2_label_asym_id 
_struct_conn.ptnr2_label_comp_id 
_struct_conn.ptnr2_label_seq_id 
_struct_conn.ptnr2_label_atom_id 
_struct_conn.pdbx_ptnr2_label_alt_id 
_struct_conn.pdbx_ptnr2_PDB_ins_code 
_struct_conn.ptnr1_auth_asym_id 
_struct_conn.ptnr1_auth_comp_id 
_struct_conn.ptnr1_auth_seq_id 
_struct_conn.ptnr2_auth_asym_id 
_struct_conn.ptnr2_auth_comp_id 
_struct_conn.ptnr2_auth_seq_id 
_struct_conn.ptnr2_symmetry 
_struct_conn.pdbx_ptnr3_label_atom_id 
_struct_conn.pdbx_ptnr3_label_seq_id 
_struct_conn.pdbx_ptnr3_label_comp_id 
_struct_conn.pdbx_ptnr3_label_asym_id 
_struct_conn.pdbx_ptnr3_label_alt_id 
_struct_conn.pdbx_ptnr3_PDB_ins_code 
_struct_conn.details 
_struct_conn.pdbx_dist_value 
_struct_conn.pdbx_value_order 
_struct_conn.pdbx_role 
hydrog1  hydrog ? ? A DC 1  N3 ? ? ? 1_555 B DG 12 N1 ? ? A DC 1  B DG 12 1_555 ? ? ? ? ? ? WATSON-CRICK         ? ? ? 
hydrog2  hydrog ? ? A DC 1  N4 ? ? ? 1_555 B DG 12 O6 ? ? A DC 1  B DG 12 1_555 ? ? ? ? ? ? WATSON-CRICK         ? ? ? 
hydrog3  hydrog ? ? A DC 1  O2 ? ? ? 1_555 B DG 12 N2 ? ? A DC 1  B DG 12 1_555 ? ? ? ? ? ? WATSON-CRICK         ? ? ? 
hydrog4  hydrog ? ? A DG 2  N1 ? ? ? 1_555 B DC 11 N3 ? ? A DG 2  B DC 11 1_555 ? ? ? ? ? ? WATSON-CRICK         ? ? ? 
hydrog5  hydrog ? ? A DG 2  N2 ? ? ? 1_555 B DC 11 O2 ? ? A DG 2  B DC 11 1_555 ? ? ? ? ? ? WATSON-CRICK         ? ? ? 
hydrog6  hydrog ? ? A DG 2  O6 ? ? ? 1_555 B DC 11 N4 ? ? A DG 2  B DC 11 1_555 ? ? ? ? ? ? WATSON-CRICK         ? ? ? 
hydrog7  hydrog ? ? A DC 3  N3 ? ? ? 1_555 B DG 10 N1 ? ? A DC 3  B DG 10 1_555 ? ? ? ? ? ? WATSON-CRICK         ? ? ? 
hydrog8  hydrog ? ? A DC 3  N4 ? ? ? 1_555 B DG 10 O6 ? ? A DC 3  B DG 10 1_555 ? ? ? ? ? ? WATSON-CRICK         ? ? ? 
hydrog9  hydrog ? ? A DC 3  O2 ? ? ? 1_555 B DG 10 N2 ? ? A DC 3  B DG 10 1_555 ? ? ? ? ? ? WATSON-CRICK         ? ? ? 
hydrog10 hydrog ? ? A DG 4  N1 ? ? ? 1_555 B DC 9  N3 ? ? A DG 4  B DC 9  1_555 ? ? ? ? ? ? WATSON-CRICK         ? ? ? 
hydrog11 hydrog ? ? A DG 4  N2 ? ? ? 1_555 B DC 9  O2 ? ? A DG 4  B DC 9  1_555 ? ? ? ? ? ? WATSON-CRICK         ? ? ? 
hydrog12 hydrog ? ? A DG 4  O6 ? ? ? 1_555 B DC 9  N4 ? ? A DG 4  B DC 9  1_555 ? ? ? ? ? ? WATSON-CRICK         ? ? ? 
hydrog13 hydrog ? ? A DA 5  N6 ? ? ? 1_555 B DT 7  O2 ? ? A DA 5  B DT 7  1_555 ? ? ? ? ? ? 'REVERSED HOOGSTEEN' ? ? ? 
hydrog14 hydrog ? ? A DA 5  N7 ? ? ? 1_555 B DT 7  N3 ? ? A DA 5  B DT 7  1_555 ? ? ? ? ? ? 'REVERSED HOOGSTEEN' ? ? ? 
hydrog15 hydrog ? ? A DA 5  N6 ? ? ? 1_555 B DT 8  O4 ? ? A DA 5  B DT 8  1_555 ? ? ? ? ? ? 'DA-DT PAIR'         ? ? ? 
hydrog16 hydrog ? ? A DT 7  N3 ? ? ? 1_555 B DA 5  N7 ? ? A DT 7  B DA 5  1_555 ? ? ? ? ? ? 'REVERSED HOOGSTEEN' ? ? ? 
hydrog17 hydrog ? ? A DT 7  O2 ? ? ? 1_555 B DA 5  N6 ? ? A DT 7  B DA 5  1_555 ? ? ? ? ? ? 'REVERSED HOOGSTEEN' ? ? ? 
hydrog18 hydrog ? ? A DT 8  O4 ? ? ? 1_555 B DA 5  N6 ? ? A DT 8  B DA 5  1_555 ? ? ? ? ? ? 'DT-DA PAIR'         ? ? ? 
hydrog19 hydrog ? ? A DC 9  N3 ? ? ? 1_555 B DG 4  N1 ? ? A DC 9  B DG 4  1_555 ? ? ? ? ? ? WATSON-CRICK         ? ? ? 
hydrog20 hydrog ? ? A DC 9  N4 ? ? ? 1_555 B DG 4  O6 ? ? A DC 9  B DG 4  1_555 ? ? ? ? ? ? WATSON-CRICK         ? ? ? 
hydrog21 hydrog ? ? A DC 9  O2 ? ? ? 1_555 B DG 4  N2 ? ? A DC 9  B DG 4  1_555 ? ? ? ? ? ? WATSON-CRICK         ? ? ? 
hydrog22 hydrog ? ? A DG 10 N1 ? ? ? 1_555 B DC 3  N3 ? ? A DG 10 B DC 3  1_555 ? ? ? ? ? ? WATSON-CRICK         ? ? ? 
hydrog23 hydrog ? ? A DG 10 N2 ? ? ? 1_555 B DC 3  O2 ? ? A DG 10 B DC 3  1_555 ? ? ? ? ? ? WATSON-CRICK         ? ? ? 
hydrog24 hydrog ? ? A DG 10 O6 ? ? ? 1_555 B DC 3  N4 ? ? A DG 10 B DC 3  1_555 ? ? ? ? ? ? WATSON-CRICK         ? ? ? 
hydrog25 hydrog ? ? A DC 11 N3 ? ? ? 1_555 B DG 2  N1 ? ? A DC 11 B DG 2  1_555 ? ? ? ? ? ? WATSON-CRICK         ? ? ? 
hydrog26 hydrog ? ? A DC 11 N4 ? ? ? 1_555 B DG 2  O6 ? ? A DC 11 B DG 2  1_555 ? ? ? ? ? ? WATSON-CRICK         ? ? ? 
hydrog27 hydrog ? ? A DC 11 O2 ? ? ? 1_555 B DG 2  N2 ? ? A DC 11 B DG 2  1_555 ? ? ? ? ? ? WATSON-CRICK         ? ? ? 
hydrog28 hydrog ? ? A DG 12 N1 ? ? ? 1_555 B DC 1  N3 ? ? A DG 12 B DC 1  1_555 ? ? ? ? ? ? WATSON-CRICK         ? ? ? 
hydrog29 hydrog ? ? A DG 12 N2 ? ? ? 1_555 B DC 1  O2 ? ? A DG 12 B DC 1  1_555 ? ? ? ? ? ? WATSON-CRICK         ? ? ? 
hydrog30 hydrog ? ? A DG 12 O6 ? ? ? 1_555 B DC 1  N4 ? ? A DG 12 B DC 1  1_555 ? ? ? ? ? ? WATSON-CRICK         ? ? ? 
# 
_struct_conn_type.id          hydrog 
_struct_conn_type.criteria    ? 
_struct_conn_type.reference   ? 
# 
_atom_sites.entry_id                    4L25 
_atom_sites.fract_transf_matrix[1][1]   0.01881993 
_atom_sites.fract_transf_matrix[1][2]   -0.02146683 
_atom_sites.fract_transf_matrix[1][3]   -0.02347602 
_atom_sites.fract_transf_matrix[2][1]   0.01888704 
_atom_sites.fract_transf_matrix[2][2]   -0.00193649 
_atom_sites.fract_transf_matrix[2][3]   0.01691186 
_atom_sites.fract_transf_matrix[3][1]   -0.01175299 
_atom_sites.fract_transf_matrix[3][2]   -0.02917238 
_atom_sites.fract_transf_matrix[3][3]   0.00978527 
_atom_sites.fract_transf_vector[1]      0.709854 
_atom_sites.fract_transf_vector[2]      0.803684 
_atom_sites.fract_transf_vector[3]      0.722141 
# 
loop_
_atom_type.symbol 
C 
N 
O 
P 
# 
loop_
_atom_site.group_PDB 
_atom_site.id 
_atom_site.type_symbol 
_atom_site.label_atom_id 
_atom_site.label_alt_id 
_atom_site.label_comp_id 
_atom_site.label_asym_id 
_atom_site.label_entity_id 
_atom_site.label_seq_id 
_atom_site.pdbx_PDB_ins_code 
_atom_site.Cartn_x 
_atom_site.Cartn_y 
_atom_site.Cartn_z 
_atom_site.occupancy 
_atom_site.B_iso_or_equiv 
_atom_site.pdbx_formal_charge 
_atom_site.auth_seq_id 
_atom_site.auth_comp_id 
_atom_site.auth_asym_id 
_atom_site.auth_atom_id 
_atom_site.pdbx_PDB_model_num 
ATOM   1   O "O5'" . DC  A 1 1  ? -16.693 2.495   -3.079  1.00 20.06 ? 1   DC  A "O5'" 1 
ATOM   2   C "C5'" . DC  A 1 1  ? -15.543 1.822   -3.596  1.00 16.36 ? 1   DC  A "C5'" 1 
ATOM   3   C "C4'" . DC  A 1 1  ? -15.403 0.424   -3.041  1.00 13.56 ? 1   DC  A "C4'" 1 
ATOM   4   O "O4'" . DC  A 1 1  ? -15.271 0.483   -1.601  1.00 12.94 ? 1   DC  A "O4'" 1 
ATOM   5   C "C3'" . DC  A 1 1  ? -16.607 -0.507  -3.314  1.00 13.50 ? 1   DC  A "C3'" 1 
ATOM   6   O "O3'" . DC  A 1 1  ? -16.136 -1.840  -3.535  1.00 13.76 ? 1   DC  A "O3'" 1 
ATOM   7   C "C2'" . DC  A 1 1  ? -17.374 -0.446  -2.007  1.00 12.57 ? 1   DC  A "C2'" 1 
ATOM   8   C "C1'" . DC  A 1 1  ? -16.242 -0.358  -1.001  1.00 11.81 ? 1   DC  A "C1'" 1 
ATOM   9   N N1    . DC  A 1 1  ? -16.613 0.231   0.294   1.00 11.67 ? 1   DC  A N1    1 
ATOM   10  C C2    . DC  A 1 1  ? -16.792 -0.616  1.391   1.00 11.70 ? 1   DC  A C2    1 
ATOM   11  O O2    . DC  A 1 1  ? -16.636 -1.836  1.237   1.00 11.66 ? 1   DC  A O2    1 
ATOM   12  N N3    . DC  A 1 1  ? -17.129 -0.086  2.588   1.00 11.29 ? 1   DC  A N3    1 
ATOM   13  C C4    . DC  A 1 1  ? -17.287 1.234   2.712   1.00 12.04 ? 1   DC  A C4    1 
ATOM   14  N N4    . DC  A 1 1  ? -17.619 1.714   3.912   1.00 12.47 ? 1   DC  A N4    1 
ATOM   15  C C5    . DC  A 1 1  ? -17.113 2.120   1.610   1.00 12.15 ? 1   DC  A C5    1 
ATOM   16  C C6    . DC  A 1 1  ? -16.780 1.581   0.430   1.00 12.42 ? 1   DC  A C6    1 
ATOM   17  P P     . DG  A 1 2  ? -16.039 -2.412  -5.034  1.00 14.51 ? 2   DG  A P     1 
ATOM   18  O OP1   . DG  A 1 2  ? -17.132 -1.796  -5.826  1.00 16.08 ? 2   DG  A OP1   1 
ATOM   19  O OP2   . DG  A 1 2  ? -15.930 -3.892  -4.959  1.00 15.77 ? 2   DG  A OP2   1 
ATOM   20  O "O5'" . DG  A 1 2  ? -14.652 -1.837  -5.567  1.00 13.75 ? 2   DG  A "O5'" 1 
ATOM   21  C "C5'" . DG  A 1 2  ? -13.431 -2.169  -4.910  1.00 13.93 ? 2   DG  A "C5'" 1 
ATOM   22  C "C4'" . DG  A 1 2  ? -12.294 -1.340  -5.460  1.00 13.86 ? 2   DG  A "C4'" 1 
ATOM   23  O "O4'" . DG  A 1 2  ? -12.567 0.059   -5.240  1.00 13.68 ? 2   DG  A "O4'" 1 
ATOM   24  C "C3'" . DG  A 1 2  ? -11.025 -1.646  -4.693  1.00 13.68 ? 2   DG  A "C3'" 1 
ATOM   25  O "O3'" . DG  A 1 2  ? -10.269 -2.603  -5.440  1.00 13.94 ? 2   DG  A "O3'" 1 
ATOM   26  C "C2'" . DG  A 1 2  ? -10.296 -0.314  -4.636  1.00 13.96 ? 2   DG  A "C2'" 1 
ATOM   27  C "C1'" . DG  A 1 2  ? -11.386 0.736   -4.833  1.00 12.92 ? 2   DG  A "C1'" 1 
ATOM   28  N N9    . DG  A 1 2  ? -11.710 1.518   -3.645  1.00 13.07 ? 2   DG  A N9    1 
ATOM   29  C C8    . DG  A 1 2  ? -11.763 2.888   -3.547  1.00 12.73 ? 2   DG  A C8    1 
ATOM   30  N N7    . DG  A 1 2  ? -12.095 3.305   -2.356  1.00 12.81 ? 2   DG  A N7    1 
ATOM   31  C C5    . DG  A 1 2  ? -12.271 2.140   -1.621  1.00 12.20 ? 2   DG  A C5    1 
ATOM   32  C C6    . DG  A 1 2  ? -12.641 1.957   -0.264  1.00 12.05 ? 2   DG  A C6    1 
ATOM   33  O O6    . DG  A 1 2  ? -12.898 2.817   0.589   1.00 13.44 ? 2   DG  A O6    1 
ATOM   34  N N1    . DG  A 1 2  ? -12.703 0.609   0.072   1.00 10.05 ? 2   DG  A N1    1 
ATOM   35  C C2    . DG  A 1 2  ? -12.444 -0.431  -0.786  1.00 10.22 ? 2   DG  A C2    1 
ATOM   36  N N2    . DG  A 1 2  ? -12.557 -1.665  -0.272  1.00 9.63  ? 2   DG  A N2    1 
ATOM   37  N N3    . DG  A 1 2  ? -12.099 -0.274  -2.054  1.00 10.36 ? 2   DG  A N3    1 
ATOM   38  C C4    . DG  A 1 2  ? -12.033 1.028   -2.401  1.00 12.15 ? 2   DG  A C4    1 
ATOM   39  P P     . DC  A 1 3  ? -9.823  -3.982  -4.748  1.00 12.41 ? 3   DC  A P     1 
ATOM   40  O OP1   . DC  A 1 3  ? -8.909  -4.678  -5.689  1.00 14.79 ? 3   DC  A OP1   1 
ATOM   41  O OP2   . DC  A 1 3  ? -11.044 -4.676  -4.264  1.00 15.02 ? 3   DC  A OP2   1 
ATOM   42  O "O5'" . DC  A 1 3  ? -8.977  -3.520  -3.480  1.00 13.31 ? 3   DC  A "O5'" 1 
ATOM   43  C "C5'" . DC  A 1 3  ? -7.738  -4.149  -3.160  1.00 11.92 ? 3   DC  A "C5'" 1 
ATOM   44  C "C4'" . DC  A 1 3  ? -7.500  -4.108  -1.669  1.00 11.18 ? 3   DC  A "C4'" 1 
ATOM   45  O "O4'" . DC  A 1 3  ? -7.353  -2.736  -1.228  1.00 9.34  ? 3   DC  A "O4'" 1 
ATOM   46  C "C3'" . DC  A 1 3  ? -8.674  -4.691  -0.841  1.00 11.56 ? 3   DC  A "C3'" 1 
ATOM   47  O "O3'" . DC  A 1 3  ? -8.113  -5.422  0.253   1.00 12.57 ? 3   DC  A "O3'" 1 
ATOM   48  C "C2'" . DC  A 1 3  ? -9.377  -3.449  -0.325  1.00 10.01 ? 3   DC  A "C2'" 1 
ATOM   49  C "C1'" . DC  A 1 3  ? -8.205  -2.512  -0.119  1.00 9.09  ? 3   DC  A "C1'" 1 
ATOM   50  N N1    . DC  A 1 3  ? -8.548  -1.082  -0.090  1.00 8.65  ? 3   DC  A N1    1 
ATOM   51  C C2    . DC  A 1 3  ? -9.091  -0.545  1.080   1.00 8.53  ? 3   DC  A C2    1 
ATOM   52  O O2    . DC  A 1 3  ? -9.282  -1.295  2.050   1.00 9.83  ? 3   DC  A O2    1 
ATOM   53  N N3    . DC  A 1 3  ? -9.396  0.771   1.124   1.00 8.61  ? 3   DC  A N3    1 
ATOM   54  C C4    . DC  A 1 3  ? -9.178  1.542   0.056   1.00 8.55  ? 3   DC  A C4    1 
ATOM   55  N N4    . DC  A 1 3  ? -9.488  2.838   0.147   1.00 10.25 ? 3   DC  A N4    1 
ATOM   56  C C5    . DC  A 1 3  ? -8.631  1.020   -1.151  1.00 8.32  ? 3   DC  A C5    1 
ATOM   57  C C6    . DC  A 1 3  ? -8.334  -0.286  -1.181  1.00 8.59  ? 3   DC  A C6    1 
ATOM   58  P P     . DG  A 1 4  ? -8.156  -7.026  0.243   1.00 14.40 ? 4   DG  A P     1 
ATOM   59  O OP1   . DG  A 1 4  ? -9.528  -7.433  -0.155  1.00 15.13 ? 4   DG  A OP1   1 
ATOM   60  O OP2   . DG  A 1 4  ? -7.590  -7.516  1.525   1.00 15.41 ? 4   DG  A OP2   1 
ATOM   61  O "O5'" . DG  A 1 4  ? -7.162  -7.426  -0.934  1.00 13.37 ? 4   DG  A "O5'" 1 
ATOM   62  C "C5'" . DG  A 1 4  ? -5.752  -7.502  -0.716  1.00 13.11 ? 4   DG  A "C5'" 1 
ATOM   63  C "C4'" . DG  A 1 4  ? -5.029  -7.604  -2.039  1.00 12.54 ? 4   DG  A "C4'" 1 
ATOM   64  O "O4'" . DG  A 1 4  ? -5.252  -6.400  -2.813  1.00 11.50 ? 4   DG  A "O4'" 1 
ATOM   65  C "C3'" . DG  A 1 4  ? -3.515  -7.794  -1.979  1.00 12.13 ? 4   DG  A "C3'" 1 
ATOM   66  O "O3'" . DG  A 1 4  ? -3.201  -8.671  -3.066  1.00 13.75 ? 4   DG  A "O3'" 1 
ATOM   67  C "C2'" . DG  A 1 4  ? -2.986  -6.396  -2.243  1.00 11.01 ? 4   DG  A "C2'" 1 
ATOM   68  C "C1'" . DG  A 1 4  ? -4.005  -5.866  -3.230  1.00 9.66  ? 4   DG  A "C1'" 1 
ATOM   69  N N9    . DG  A 1 4  ? -4.129  -4.411  -3.268  1.00 8.31  ? 4   DG  A N9    1 
ATOM   70  C C8    . DG  A 1 4  ? -4.109  -3.615  -4.388  1.00 8.79  ? 4   DG  A C8    1 
ATOM   71  N N7    . DG  A 1 4  ? -4.243  -2.345  -4.119  1.00 7.86  ? 4   DG  A N7    1 
ATOM   72  C C5    . DG  A 1 4  ? -4.360  -2.298  -2.736  1.00 7.72  ? 4   DG  A C5    1 
ATOM   73  C C6    . DG  A 1 4  ? -4.533  -1.190  -1.866  1.00 7.76  ? 4   DG  A C6    1 
ATOM   74  O O6    . DG  A 1 4  ? -4.619  0.010   -2.155  1.00 8.92  ? 4   DG  A O6    1 
ATOM   75  N N1    . DG  A 1 4  ? -4.606  -1.590  -0.537  1.00 8.13  ? 4   DG  A N1    1 
ATOM   76  C C2    . DG  A 1 4  ? -4.524  -2.889  -0.098  1.00 8.43  ? 4   DG  A C2    1 
ATOM   77  N N2    . DG  A 1 4  ? -4.621  -3.071  1.228   1.00 9.15  ? 4   DG  A N2    1 
ATOM   78  N N3    . DG  A 1 4  ? -4.361  -3.932  -0.897  1.00 8.11  ? 4   DG  A N3    1 
ATOM   79  C C4    . DG  A 1 4  ? -4.288  -3.564  -2.195  1.00 7.50  ? 4   DG  A C4    1 
ATOM   80  P P     . DA  A 1 5  ? -1.695  -9.199  -3.263  1.00 13.35 ? 5   DA  A P     1 
ATOM   81  O OP1   . DA  A 1 5  ? -1.787  -10.564 -3.841  1.00 14.00 ? 5   DA  A OP1   1 
ATOM   82  O OP2   . DA  A 1 5  ? -0.941  -8.985  -2.004  1.00 15.17 ? 5   DA  A OP2   1 
ATOM   83  O "O5'" . DA  A 1 5  ? -1.100  -8.232  -4.380  1.00 13.50 ? 5   DA  A "O5'" 1 
ATOM   84  C "C5'" . DA  A 1 5  ? -1.753  -8.099  -5.642  1.00 12.84 ? 5   DA  A "C5'" 1 
ATOM   85  C "C4'" . DA  A 1 5  ? -1.245  -6.881  -6.377  1.00 11.15 ? 5   DA  A "C4'" 1 
ATOM   86  O "O4'" . DA  A 1 5  ? -1.590  -5.676  -5.650  1.00 9.91  ? 5   DA  A "O4'" 1 
ATOM   87  C "C3'" . DA  A 1 5  ? 0.266   -6.784  -6.652  1.00 11.46 ? 5   DA  A "C3'" 1 
ATOM   88  O "O3'" . DA  A 1 5  ? 0.286   -6.087  -7.902  1.00 12.80 ? 5   DA  A "O3'" 1 
ATOM   89  C "C2'" . DA  A 1 5  ? 0.727   -5.851  -5.548  1.00 10.46 ? 5   DA  A "C2'" 1 
ATOM   90  C "C1'" . DA  A 1 5  ? -0.428  -4.873  -5.523  1.00 9.24  ? 5   DA  A "C1'" 1 
ATOM   91  N N9    . DA  A 1 5  ? -0.563  -4.074  -4.306  1.00 8.10  ? 5   DA  A N9    1 
ATOM   92  C C8    . DA  A 1 5  ? -0.419  -4.464  -2.997  1.00 8.21  ? 5   DA  A C8    1 
ATOM   93  N N7    . DA  A 1 5  ? -0.624  -3.498  -2.134  1.00 7.69  ? 5   DA  A N7    1 
ATOM   94  C C5    . DA  A 1 5  ? -0.918  -2.398  -2.928  1.00 7.09  ? 5   DA  A C5    1 
ATOM   95  C C6    . DA  A 1 5  ? -1.236  -1.064  -2.620  1.00 7.03  ? 5   DA  A C6    1 
ATOM   96  N N6    . DA  A 1 5  ? -1.318  -0.588  -1.375  1.00 7.03  ? 5   DA  A N6    1 
ATOM   97  N N1    . DA  A 1 5  ? -1.472  -0.221  -3.649  1.00 7.31  ? 5   DA  A N1    1 
ATOM   98  C C2    . DA  A 1 5  ? -1.394  -0.697  -4.897  1.00 8.10  ? 5   DA  A C2    1 
ATOM   99  N N3    . DA  A 1 5  ? -1.108  -1.927  -5.314  1.00 7.92  ? 5   DA  A N3    1 
ATOM   100 C C4    . DA  A 1 5  ? -0.878  -2.738  -4.267  1.00 7.89  ? 5   DA  A C4    1 
ATOM   101 P P     . DT  A 1 6  ? 1.439   -6.393  -8.975  1.00 11.94 ? 6   DT  A P     1 
ATOM   102 O OP1   . DT  A 1 6  ? 0.764   -6.842  -10.218 1.00 17.30 ? 6   DT  A OP1   1 
ATOM   103 O OP2   . DT  A 1 6  ? 2.467   -7.259  -8.343  1.00 16.68 ? 6   DT  A OP2   1 
ATOM   104 O "O5'" . DT  A 1 6  ? 2.079   -4.960  -9.248  1.00 14.93 ? 6   DT  A "O5'" 1 
ATOM   105 C "C5'" . DT  A 1 6  ? 2.155   -4.425  -10.569 1.00 12.24 ? 6   DT  A "C5'" 1 
ATOM   106 C "C4'" . DT  A 1 6  ? 1.792   -2.958  -10.558 1.00 11.10 ? 6   DT  A "C4'" 1 
ATOM   107 O "O4'" . DT  A 1 6  ? 0.353   -2.799  -10.498 1.00 9.95  ? 6   DT  A "O4'" 1 
ATOM   108 C "C3'" . DT  A 1 6  ? 2.360   -2.127  -9.395  1.00 10.76 ? 6   DT  A "C3'" 1 
ATOM   109 O "O3'" . DT  A 1 6  ? 2.673   -0.818  -9.878  1.00 11.22 ? 6   DT  A "O3'" 1 
ATOM   110 C "C2'" . DT  A 1 6  ? 1.173   -2.053  -8.452  1.00 8.84  ? 6   DT  A "C2'" 1 
ATOM   111 C "C1'" . DT  A 1 6  ? 0.033   -1.913  -9.439  1.00 10.00 ? 6   DT  A "C1'" 1 
ATOM   112 N N1    . DT  A 1 6  ? -1.293  -2.284  -8.913  1.00 9.87  ? 6   DT  A N1    1 
ATOM   113 C C2    . DT  A 1 6  ? -2.031  -1.307  -8.286  1.00 9.82  ? 6   DT  A C2    1 
ATOM   114 O O2    . DT  A 1 6  ? -1.634  -0.163  -8.142  1.00 9.96  ? 6   DT  A O2    1 
ATOM   115 N N3    . DT  A 1 6  ? -3.258  -1.720  -7.834  1.00 11.07 ? 6   DT  A N3    1 
ATOM   116 C C4    . DT  A 1 6  ? -3.807  -2.983  -7.941  1.00 11.36 ? 6   DT  A C4    1 
ATOM   117 O O4    . DT  A 1 6  ? -4.926  -3.205  -7.487  1.00 12.41 ? 6   DT  A O4    1 
ATOM   118 C C5    . DT  A 1 6  ? -2.975  -3.961  -8.607  1.00 11.59 ? 6   DT  A C5    1 
ATOM   119 C C7    . DT  A 1 6  ? -3.486  -5.358  -8.770  1.00 12.56 ? 6   DT  A C7    1 
ATOM   120 C C6    . DT  A 1 6  ? -1.775  -3.568  -9.051  1.00 10.79 ? 6   DT  A C6    1 
ATOM   121 P P     . DT  A 1 7  ? 3.749   0.087   -9.098  1.00 11.01 ? 7   DT  A P     1 
ATOM   122 O OP1   . DT  A 1 7  ? 3.970   1.305   -9.917  1.00 13.31 ? 7   DT  A OP1   1 
ATOM   123 O OP2   . DT  A 1 7  ? 4.904   -0.774  -8.740  1.00 12.90 ? 7   DT  A OP2   1 
ATOM   124 O "O5'" . DT  A 1 7  ? 3.008   0.517   -7.753  1.00 9.77  ? 7   DT  A "O5'" 1 
ATOM   125 C "C5'" . DT  A 1 7  ? 1.883   1.396   -7.779  1.00 9.76  ? 7   DT  A "C5'" 1 
ATOM   126 C "C4'" . DT  A 1 7  ? 1.485   1.786   -6.373  1.00 8.67  ? 7   DT  A "C4'" 1 
ATOM   127 O "O4'" . DT  A 1 7  ? 1.231   0.588   -5.601  1.00 8.04  ? 7   DT  A "O4'" 1 
ATOM   128 C "C3'" . DT  A 1 7  ? 2.529   2.581   -5.553  1.00 8.97  ? 7   DT  A "C3'" 1 
ATOM   129 O "O3'" . DT  A 1 7  ? 1.847   3.383   -4.579  1.00 9.24  ? 7   DT  A "O3'" 1 
ATOM   130 C "C2'" . DT  A 1 7  ? 3.264   1.467   -4.833  1.00 8.33  ? 7   DT  A "C2'" 1 
ATOM   131 C "C1'" . DT  A 1 7  ? 2.107   0.548   -4.483  1.00 7.35  ? 7   DT  A "C1'" 1 
ATOM   132 N N1    . DT  A 1 7  ? 2.475   -0.859  -4.248  1.00 7.54  ? 7   DT  A N1    1 
ATOM   133 C C2    . DT  A 1 7  ? 2.240   -1.385  -2.999  1.00 7.26  ? 7   DT  A C2    1 
ATOM   134 O O2    . DT  A 1 7  ? 1.753   -0.741  -2.085  1.00 7.55  ? 7   DT  A O2    1 
ATOM   135 N N3    . DT  A 1 7  ? 2.597   -2.703  -2.858  1.00 7.56  ? 7   DT  A N3    1 
ATOM   136 C C4    . DT  A 1 7  ? 3.154   -3.525  -3.819  1.00 8.31  ? 7   DT  A C4    1 
ATOM   137 O O4    . DT  A 1 7  ? 3.420   -4.692  -3.546  1.00 8.71  ? 7   DT  A O4    1 
ATOM   138 C C5    . DT  A 1 7  ? 3.378   -2.904  -5.106  1.00 8.51  ? 7   DT  A C5    1 
ATOM   139 C C7    . DT  A 1 7  ? 3.981   -3.715  -6.208  1.00 9.69  ? 7   DT  A C7    1 
ATOM   140 C C6    . DT  A 1 7  ? 3.031   -1.619  -5.253  1.00 8.17  ? 7   DT  A C6    1 
ATOM   141 P P     . DT  A 1 8  ? 1.045   4.695   -5.043  1.00 9.57  ? 8   DT  A P     1 
ATOM   142 O OP1   . DT  A 1 8  ? -0.395  4.425   -4.799  1.00 9.70  ? 8   DT  A OP1   1 
ATOM   143 O OP2   . DT  A 1 8  ? 1.500   5.071   -6.404  1.00 11.14 ? 8   DT  A OP2   1 
ATOM   144 O "O5'" . DT  A 1 8  ? 1.502   5.828   -4.019  1.00 11.05 ? 8   DT  A "O5'" 1 
ATOM   145 C "C5'" . DT  A 1 8  ? 0.845   7.096   -3.996  1.00 11.08 ? 8   DT  A "C5'" 1 
ATOM   146 C "C4'" . DT  A 1 8  ? 0.934   7.714   -2.619  1.00 11.70 ? 8   DT  A "C4'" 1 
ATOM   147 O "O4'" . DT  A 1 8  ? 0.198   6.906   -1.677  1.00 11.00 ? 8   DT  A "O4'" 1 
ATOM   148 C "C3'" . DT  A 1 8  ? 2.322   7.862   -2.009  1.00 11.69 ? 8   DT  A "C3'" 1 
ATOM   149 O "O3'" . DT  A 1 8  ? 2.895   9.114   -2.401  1.00 12.70 ? 8   DT  A "O3'" 1 
ATOM   150 C "C2'" . DT  A 1 8  ? 2.039   7.868   -0.518  1.00 11.01 ? 8   DT  A "C2'" 1 
ATOM   151 C "C1'" . DT  A 1 8  ? 0.761   7.044   -0.377  1.00 10.92 ? 8   DT  A "C1'" 1 
ATOM   152 N N1    . DT  A 1 8  ? 0.977   5.694   0.172   1.00 9.41  ? 8   DT  A N1    1 
ATOM   153 C C2    . DT  A 1 8  ? 0.907   5.529   1.536   1.00 9.89  ? 8   DT  A C2    1 
ATOM   154 O O2    . DT  A 1 8  ? 0.676   6.446   2.307   1.00 10.67 ? 8   DT  A O2    1 
ATOM   155 N N3    . DT  A 1 8  ? 1.120   4.243   1.967   1.00 9.39  ? 8   DT  A N3    1 
ATOM   156 C C4    . DT  A 1 8  ? 1.389   3.134   1.189   1.00 8.14  ? 8   DT  A C4    1 
ATOM   157 O O4    . DT  A 1 8  ? 1.557   2.040   1.720   1.00 7.97  ? 8   DT  A O4    1 
ATOM   158 C C5    . DT  A 1 8  ? 1.448   3.381   -0.233  1.00 8.33  ? 8   DT  A C5    1 
ATOM   159 C C7    . DT  A 1 8  ? 1.736   2.239   -1.157  1.00 8.49  ? 8   DT  A C7    1 
ATOM   160 C C6    . DT  A 1 8  ? 1.242   4.631   -0.665  1.00 9.23  ? 8   DT  A C6    1 
ATOM   161 P P     . DC  A 1 9  ? 4.491   9.298   -2.380  1.00 14.42 ? 9   DC  A P     1 
ATOM   162 O OP1   . DC  A 1 9  ? 4.966   8.852   -1.047  1.00 16.83 ? 9   DC  A OP1   1 
ATOM   163 O OP2   . DC  A 1 9  ? 4.821   10.663  -2.857  1.00 16.08 ? 9   DC  A OP2   1 
ATOM   164 O "O5'" . DC  A 1 9  ? 5.006   8.244   -3.455  1.00 12.89 ? 9   DC  A "O5'" 1 
ATOM   165 C "C5'" . DC  A 1 9  ? 6.343   8.288   -3.948  1.00 12.65 ? 9   DC  A "C5'" 1 
ATOM   166 C "C4'" . DC  A 1 9  ? 6.748   6.924   -4.456  1.00 11.37 ? 9   DC  A "C4'" 1 
ATOM   167 O "O4'" . DC  A 1 9  ? 6.975   6.035   -3.338  1.00 10.26 ? 9   DC  A "O4'" 1 
ATOM   168 C "C3'" . DC  A 1 9  ? 5.672   6.261   -5.322  1.00 11.34 ? 9   DC  A "C3'" 1 
ATOM   169 O "O3'" . DC  A 1 9  ? 6.260   5.631   -6.462  1.00 13.15 ? 9   DC  A "O3'" 1 
ATOM   170 C "C2'" . DC  A 1 9  ? 5.041   5.237   -4.395  1.00 11.13 ? 9   DC  A "C2'" 1 
ATOM   171 C "C1'" . DC  A 1 9  ? 6.194   4.859   -3.481  1.00 9.83  ? 9   DC  A "C1'" 1 
ATOM   172 N N1    . DC  A 1 9  ? 5.786   4.427   -2.136  1.00 9.45  ? 9   DC  A N1    1 
ATOM   173 C C2    . DC  A 1 9  ? 5.676   3.059   -1.871  1.00 8.85  ? 9   DC  A C2    1 
ATOM   174 O O2    . DC  A 1 9  ? 5.918   2.251   -2.780  1.00 9.52  ? 9   DC  A O2    1 
ATOM   175 N N3    . DC  A 1 9  ? 5.307   2.653   -0.635  1.00 8.77  ? 9   DC  A N3    1 
ATOM   176 C C4    . DC  A 1 9  ? 5.054   3.555   0.316   1.00 8.57  ? 9   DC  A C4    1 
ATOM   177 N N4    . DC  A 1 9  ? 4.697   3.109   1.523   1.00 8.36  ? 9   DC  A N4    1 
ATOM   178 C C5    . DC  A 1 9  ? 5.159   4.956   0.073   1.00 9.21  ? 9   DC  A C5    1 
ATOM   179 C C6    . DC  A 1 9  ? 5.523   5.343   -1.155  1.00 9.25  ? 9   DC  A C6    1 
ATOM   180 P P     . DG  A 1 10 ? 6.225   6.375   -7.885  1.00 14.53 ? 10  DG  A P     1 
ATOM   181 O OP1   . DG  A 1 10 ? 4.979   7.181   -7.940  1.00 16.17 ? 10  DG  A OP1   1 
ATOM   182 O OP2   . DG  A 1 10 ? 6.497   5.373   -8.945  1.00 15.71 ? 10  DG  A OP2   1 
ATOM   183 O "O5'" . DG  A 1 10 ? 7.458   7.381   -7.815  1.00 13.55 ? 10  DG  A "O5'" 1 
ATOM   184 C "C5'" . DG  A 1 10 ? 8.780   6.892   -7.606  1.00 13.15 ? 10  DG  A "C5'" 1 
ATOM   185 C "C4'" . DG  A 1 10 ? 9.740   8.040   -7.396  1.00 12.89 ? 10  DG  A "C4'" 1 
ATOM   186 O "O4'" . DG  A 1 10 ? 9.288   8.850   -6.291  1.00 13.71 ? 10  DG  A "O4'" 1 
ATOM   187 C "C3'" . DG  A 1 10 ? 11.124  7.555   -7.027  1.00 13.85 ? 10  DG  A "C3'" 1 
ATOM   188 O "O3'" . DG  A 1 10 ? 11.904  7.515   -8.225  1.00 15.06 ? 10  DG  A "O3'" 1 
ATOM   189 C "C2'" . DG  A 1 10 ? 11.648  8.621   -6.078  1.00 13.69 ? 10  DG  A "C2'" 1 
ATOM   190 C "C1'" . DG  A 1 10 ? 10.399  9.311   -5.534  1.00 12.99 ? 10  DG  A "C1'" 1 
ATOM   191 N N9    . DG  A 1 10 ? 10.112  9.049   -4.127  1.00 12.90 ? 10  DG  A N9    1 
ATOM   192 C C8    . DG  A 1 10 ? 9.901   9.981   -3.140  1.00 13.13 ? 10  DG  A C8    1 
ATOM   193 N N7    . DG  A 1 10 ? 9.653   9.446   -1.975  1.00 12.91 ? 10  DG  A N7    1 
ATOM   194 C C5    . DG  A 1 10 ? 9.707   8.079   -2.206  1.00 12.32 ? 10  DG  A C5    1 
ATOM   195 C C6    . DG  A 1 10 ? 9.516   6.988   -1.319  1.00 11.95 ? 10  DG  A C6    1 
ATOM   196 O O6    . DG  A 1 10 ? 9.250   7.014   -0.111  1.00 13.01 ? 10  DG  A O6    1 
ATOM   197 N N1    . DG  A 1 10 ? 9.662   5.768   -1.970  1.00 10.54 ? 10  DG  A N1    1 
ATOM   198 C C2    . DG  A 1 10 ? 9.952   5.614   -3.303  1.00 10.37 ? 10  DG  A C2    1 
ATOM   199 N N2    . DG  A 1 10 ? 10.051  4.352   -3.745  1.00 9.83  ? 10  DG  A N2    1 
ATOM   200 N N3    . DG  A 1 10 ? 10.131  6.621   -4.142  1.00 10.53 ? 10  DG  A N3    1 
ATOM   201 C C4    . DG  A 1 10 ? 9.994   7.817   -3.529  1.00 11.70 ? 10  DG  A C4    1 
ATOM   202 P P     . DC  A 1 11 ? 12.612  6.143   -8.671  1.00 15.93 ? 11  DC  A P     1 
ATOM   203 O OP1   . DC  A 1 11 ? 13.250  6.376   -9.991  1.00 16.57 ? 11  DC  A OP1   1 
ATOM   204 O OP2   . DC  A 1 11 ? 11.625  5.045   -8.518  1.00 17.24 ? 11  DC  A OP2   1 
ATOM   205 O "O5'" . DC  A 1 11 ? 13.759  5.933   -7.587  1.00 14.29 ? 11  DC  A "O5'" 1 
ATOM   206 C "C5'" . DC  A 1 11 ? 14.906  5.138   -7.878  1.00 14.56 ? 11  DC  A "C5'" 1 
ATOM   207 C "C4'" . DC  A 1 11 ? 15.008  3.993   -6.900  1.00 13.96 ? 11  DC  A "C4'" 1 
ATOM   208 O "O4'" . DC  A 1 11 ? 15.129  4.516   -5.556  1.00 13.20 ? 11  DC  A "O4'" 1 
ATOM   209 C "C3'" . DC  A 1 11 ? 13.779  3.071   -6.884  1.00 14.54 ? 11  DC  A "C3'" 1 
ATOM   210 O "O3'" . DC  A 1 11 ? 14.205  1.709   -6.777  1.00 17.13 ? 11  DC  A "O3'" 1 
ATOM   211 C "C2'" . DC  A 1 11 ? 13.029  3.490   -5.633  1.00 13.63 ? 11  DC  A "C2'" 1 
ATOM   212 C "C1'" . DC  A 1 11 ? 14.161  3.909   -4.715  1.00 12.39 ? 11  DC  A "C1'" 1 
ATOM   213 N N1    . DC  A 1 11 ? 13.783  4.887   -3.684  1.00 11.65 ? 11  DC  A N1    1 
ATOM   214 C C2    . DC  A 1 11 ? 13.353  4.421   -2.439  1.00 11.02 ? 11  DC  A C2    1 
ATOM   215 O O2    . DC  A 1 11 ? 13.297  3.198   -2.244  1.00 11.43 ? 11  DC  A O2    1 
ATOM   216 N N3    . DC  A 1 11 ? 13.010  5.312   -1.480  1.00 10.76 ? 11  DC  A N3    1 
ATOM   217 C C4    . DC  A 1 11 ? 13.083  6.621   -1.730  1.00 10.98 ? 11  DC  A C4    1 
ATOM   218 N N4    . DC  A 1 11 ? 12.737  7.465   -0.754  1.00 12.46 ? 11  DC  A N4    1 
ATOM   219 C C5    . DC  A 1 11 ? 13.517  7.124   -2.991  1.00 11.43 ? 11  DC  A C5    1 
ATOM   220 C C6    . DC  A 1 11 ? 13.854  6.231   -3.930  1.00 11.00 ? 11  DC  A C6    1 
ATOM   221 P P     . DG  A 1 12 ? 14.389  0.825   -8.107  1.00 17.87 ? 12  DG  A P     1 
ATOM   222 O OP1   . DG  A 1 12 ? 13.438  1.344   -9.122  1.00 19.42 ? 12  DG  A OP1   1 
ATOM   223 O OP2   . DG  A 1 12 ? 14.343  -0.610  -7.726  1.00 19.31 ? 12  DG  A OP2   1 
ATOM   224 O "O5'" . DG  A 1 12 ? 15.868  1.166   -8.588  1.00 18.33 ? 12  DG  A "O5'" 1 
ATOM   225 C "C5'" . DG  A 1 12 ? 16.991  0.846   -7.766  1.00 18.76 ? 12  DG  A "C5'" 1 
ATOM   226 C "C4'" . DG  A 1 12 ? 18.231  1.546   -8.273  1.00 19.15 ? 12  DG  A "C4'" 1 
ATOM   227 O "O4'" . DG  A 1 12 ? 17.956  2.943   -8.497  1.00 17.91 ? 12  DG  A "O4'" 1 
ATOM   228 C "C3'" . DG  A 1 12 ? 19.372  1.535   -7.273  1.00 19.28 ? 12  DG  A "C3'" 1 
ATOM   229 O "O3'" . DG  A 1 12 ? 20.068  0.285   -7.294  1.00 21.72 ? 12  DG  A "O3'" 1 
ATOM   230 C "C2'" . DG  A 1 12 ? 20.177  2.766   -7.646  1.00 18.08 ? 12  DG  A "C2'" 1 
ATOM   231 C "C1'" . DG  A 1 12 ? 19.139  3.704   -8.269  1.00 16.77 ? 12  DG  A "C1'" 1 
ATOM   232 N N9    . DG  A 1 12 ? 18.774  4.853   -7.447  1.00 15.23 ? 12  DG  A N9    1 
ATOM   233 C C8    . DG  A 1 12 ? 18.793  6.175   -7.822  1.00 14.32 ? 12  DG  A C8    1 
ATOM   234 N N7    . DG  A 1 12 ? 18.400  6.983   -6.875  1.00 14.65 ? 12  DG  A N7    1 
ATOM   235 C C5    . DG  A 1 12 ? 18.106  6.145   -5.808  1.00 13.61 ? 12  DG  A C5    1 
ATOM   236 C C6    . DG  A 1 12 ? 17.630  6.447   -4.506  1.00 12.63 ? 12  DG  A C6    1 
ATOM   237 O O6    . DG  A 1 12 ? 17.362  7.553   -4.021  1.00 13.50 ? 12  DG  A O6    1 
ATOM   238 N N1    . DG  A 1 12 ? 17.468  5.297   -3.742  1.00 12.80 ? 12  DG  A N1    1 
ATOM   239 C C2    . DG  A 1 12 ? 17.728  4.020   -4.171  1.00 12.70 ? 12  DG  A C2    1 
ATOM   240 N N2    . DG  A 1 12 ? 17.509  3.040   -3.282  1.00 13.55 ? 12  DG  A N2    1 
ATOM   241 N N3    . DG  A 1 12 ? 18.171  3.723   -5.383  1.00 13.50 ? 12  DG  A N3    1 
ATOM   242 C C4    . DG  A 1 12 ? 18.336  4.826   -6.143  1.00 13.68 ? 12  DG  A C4    1 
ATOM   243 O "O5'" . DC  B 1 1  ? 15.353  5.728   4.878   1.00 16.23 ? 1   DC  B "O5'" 1 
ATOM   244 C "C5'" . DC  B 1 1  ? 14.573  4.542   5.047   1.00 16.47 ? 1   DC  B "C5'" 1 
ATOM   245 C "C4'" . DC  B 1 1  ? 14.877  3.505   3.993   1.00 16.00 ? 1   DC  B "C4'" 1 
ATOM   246 O "O4'" . DC  B 1 1  ? 14.689  4.081   2.678   1.00 15.02 ? 1   DC  B "O4'" 1 
ATOM   247 C "C3'" . DC  B 1 1  ? 16.310  2.951   4.006   1.00 16.66 ? 1   DC  B "C3'" 1 
ATOM   248 O "O3'" . DC  B 1 1  ? 16.289  1.567   3.642   1.00 17.84 ? 1   DC  B "O3'" 1 
ATOM   249 C "C2'" . DC  B 1 1  ? 16.996  3.761   2.921   1.00 15.92 ? 1   DC  B "C2'" 1 
ATOM   250 C "C1'" . DC  B 1 1  ? 15.874  3.928   1.912   1.00 14.88 ? 1   DC  B "C1'" 1 
ATOM   251 N N1    . DC  B 1 1  ? 16.001  5.107   1.041   1.00 13.64 ? 1   DC  B N1    1 
ATOM   252 C C2    . DC  B 1 1  ? 16.259  4.912   -0.319  1.00 12.03 ? 1   DC  B C2    1 
ATOM   253 O O2    . DC  B 1 1  ? 16.377  3.755   -0.748  1.00 12.34 ? 1   DC  B O2    1 
ATOM   254 N N3    . DC  B 1 1  ? 16.373  5.989   -1.130  1.00 11.92 ? 1   DC  B N3    1 
ATOM   255 C C4    . DC  B 1 1  ? 16.239  7.219   -0.630  1.00 12.43 ? 1   DC  B C4    1 
ATOM   256 N N4    . DC  B 1 1  ? 16.357  8.251   -1.467  1.00 13.63 ? 1   DC  B N4    1 
ATOM   257 C C5    . DC  B 1 1  ? 15.978  7.445   0.754   1.00 13.29 ? 1   DC  B C5    1 
ATOM   258 C C6    . DC  B 1 1  ? 15.868  6.370   1.544   1.00 13.23 ? 1   DC  B C6    1 
ATOM   259 P P     . DG  B 1 2  ? 16.438  0.441   4.778   1.00 19.80 ? 2   DG  B P     1 
ATOM   260 O OP1   . DG  B 1 2  ? 17.236  1.022   5.887   1.00 20.24 ? 2   DG  B OP1   1 
ATOM   261 O OP2   . DG  B 1 2  ? 16.891  -0.816  4.130   1.00 18.96 ? 2   DG  B OP2   1 
ATOM   262 O "O5'" . DG  B 1 2  ? 14.947  0.225   5.296   1.00 18.33 ? 2   DG  B "O5'" 1 
ATOM   263 C "C5'" . DG  B 1 2  ? 13.938  -0.273  4.418   1.00 16.81 ? 2   DG  B "C5'" 1 
ATOM   264 C "C4'" . DG  B 1 2  ? 12.580  -0.186  5.073   1.00 15.24 ? 2   DG  B "C4'" 1 
ATOM   265 O "O4'" . DG  B 1 2  ? 12.361  1.164   5.534   1.00 14.70 ? 2   DG  B "O4'" 1 
ATOM   266 C "C3'" . DG  B 1 2  ? 11.472  -0.482  4.080   1.00 14.61 ? 2   DG  B "C3'" 1 
ATOM   267 O "O3'" . DG  B 1 2  ? 11.058  -1.842  4.252   1.00 15.45 ? 2   DG  B "O3'" 1 
ATOM   268 C "C2'" . DG  B 1 2  ? 10.350  0.465   4.474   1.00 14.61 ? 2   DG  B "C2'" 1 
ATOM   269 C "C1'" . DG  B 1 2  ? 11.024  1.568   5.285   1.00 14.06 ? 2   DG  B "C1'" 1 
ATOM   270 N N9    . DG  B 1 2  ? 11.072  2.873   4.635   1.00 13.18 ? 2   DG  B N9    1 
ATOM   271 C C8    . DG  B 1 2  ? 10.736  4.084   5.189   1.00 13.71 ? 2   DG  B C8    1 
ATOM   272 N N7    . DG  B 1 2  ? 10.896  5.087   4.368   1.00 13.33 ? 2   DG  B N7    1 
ATOM   273 C C5    . DG  B 1 2  ? 11.364  4.502   3.200   1.00 12.70 ? 2   DG  B C5    1 
ATOM   274 C C6    . DG  B 1 2  ? 11.723  5.089   1.959   1.00 12.76 ? 2   DG  B C6    1 
ATOM   275 O O6    . DG  B 1 2  ? 11.699  6.283   1.635   1.00 13.28 ? 2   DG  B O6    1 
ATOM   276 N N1    . DG  B 1 2  ? 12.146  4.131   1.044   1.00 11.29 ? 2   DG  B N1    1 
ATOM   277 C C2    . DG  B 1 2  ? 12.218  2.782   1.289   1.00 11.68 ? 2   DG  B C2    1 
ATOM   278 N N2    . DG  B 1 2  ? 12.653  2.019   0.275   1.00 11.91 ? 2   DG  B N2    1 
ATOM   279 N N3    . DG  B 1 2  ? 11.889  2.222   2.442   1.00 11.67 ? 2   DG  B N3    1 
ATOM   280 C C4    . DG  B 1 2  ? 11.474  3.135   3.345   1.00 12.85 ? 2   DG  B C4    1 
ATOM   281 P P     . DC  B 1 3  ? 10.960  -2.813  2.976   1.00 14.68 ? 3   DC  B P     1 
ATOM   282 O OP1   . DC  B 1 3  ? 10.395  -4.104  3.443   1.00 16.56 ? 3   DC  B OP1   1 
ATOM   283 O OP2   . DC  B 1 3  ? 12.270  -2.796  2.276   1.00 17.01 ? 3   DC  B OP2   1 
ATOM   284 O "O5'" . DC  B 1 3  ? 9.883   -2.111  2.035   1.00 14.32 ? 3   DC  B "O5'" 1 
ATOM   285 C "C5'" . DC  B 1 3  ? 8.948   -2.886  1.290   1.00 12.72 ? 3   DC  B "C5'" 1 
ATOM   286 C "C4'" . DC  B 1 3  ? 8.690   -2.246  -0.054  1.00 12.77 ? 3   DC  B "C4'" 1 
ATOM   287 O "O4'" . DC  B 1 3  ? 8.098   -0.937  0.129   1.00 12.49 ? 3   DC  B "O4'" 1 
ATOM   288 C "C3'" . DC  B 1 3  ? 9.954   -2.020  -0.906  1.00 14.16 ? 3   DC  B "C3'" 1 
ATOM   289 O "O3'" . DC  B 1 3  ? 9.640   -2.329  -2.267  1.00 16.48 ? 3   DC  B "O3'" 1 
ATOM   290 C "C2'" . DC  B 1 3  ? 10.214  -0.533  -0.759  1.00 13.06 ? 3   DC  B "C2'" 1 
ATOM   291 C "C1'" . DC  B 1 3  ? 8.802   0.009   -0.655  1.00 12.27 ? 3   DC  B "C1'" 1 
ATOM   292 N N1    . DC  B 1 3  ? 8.691   1.318   0.005   1.00 11.82 ? 3   DC  B N1    1 
ATOM   293 C C2    . DC  B 1 3  ? 8.948   2.470   -0.743  1.00 11.81 ? 3   DC  B C2    1 
ATOM   294 O O2    . DC  B 1 3  ? 9.272   2.352   -1.934  1.00 11.70 ? 3   DC  B O2    1 
ATOM   295 N N3    . DC  B 1 3  ? 8.838   3.681   -0.150  1.00 11.43 ? 3   DC  B N3    1 
ATOM   296 C C4    . DC  B 1 3  ? 8.488   3.764   1.135   1.00 12.27 ? 3   DC  B C4    1 
ATOM   297 N N4    . DC  B 1 3  ? 8.387   4.979   1.678   1.00 12.64 ? 3   DC  B N4    1 
ATOM   298 C C5    . DC  B 1 3  ? 8.224   2.605   1.921   1.00 12.26 ? 3   DC  B C5    1 
ATOM   299 C C6    . DC  B 1 3  ? 8.337   1.414   1.321   1.00 11.75 ? 3   DC  B C6    1 
ATOM   300 P P     . DG  B 1 4  ? 10.203  -3.682  -2.924  1.00 19.20 ? 4   DG  B P     1 
ATOM   301 O OP1   . DG  B 1 4  ? 11.620  -3.824  -2.502  1.00 18.98 ? 4   DG  B OP1   1 
ATOM   302 O OP2   . DG  B 1 4  ? 9.865   -3.677  -4.370  1.00 19.31 ? 4   DG  B OP2   1 
ATOM   303 O "O5'" . DG  B 1 4  ? 9.359   -4.828  -2.209  1.00 16.64 ? 4   DG  B "O5'" 1 
ATOM   304 C "C5'" . DG  B 1 4  ? 8.001   -5.085  -2.571  1.00 14.25 ? 4   DG  B "C5'" 1 
ATOM   305 C "C4'" . DG  B 1 4  ? 7.353   -5.978  -1.538  1.00 11.90 ? 4   DG  B "C4'" 1 
ATOM   306 O "O4'" . DG  B 1 4  ? 7.230   -5.264  -0.282  1.00 10.35 ? 4   DG  B "O4'" 1 
ATOM   307 C "C3'" . DG  B 1 4  ? 5.962   -6.518  -1.852  1.00 11.52 ? 4   DG  B "C3'" 1 
ATOM   308 O "O3'" . DG  B 1 4  ? 5.953   -7.820  -1.254  1.00 11.79 ? 4   DG  B "O3'" 1 
ATOM   309 C "C2'" . DG  B 1 4  ? 5.058   -5.571  -1.083  1.00 10.27 ? 4   DG  B "C2'" 1 
ATOM   310 C "C1'" . DG  B 1 4  ? 5.883   -5.319  0.162   1.00 9.80  ? 4   DG  B "C1'" 1 
ATOM   311 N N9    . DG  B 1 4  ? 5.590   -4.076  0.868   1.00 8.45  ? 4   DG  B N9    1 
ATOM   312 C C8    . DG  B 1 4  ? 5.397   -3.927  2.220   1.00 8.14  ? 4   DG  B C8    1 
ATOM   313 N N7    . DG  B 1 4  ? 5.157   -2.694  2.572   1.00 8.13  ? 4   DG  B N7    1 
ATOM   314 C C5    . DG  B 1 4  ? 5.193   -1.982  1.381   1.00 8.08  ? 4   DG  B C5    1 
ATOM   315 C C6    . DG  B 1 4  ? 5.009   -0.597  1.135   1.00 7.85  ? 4   DG  B C6    1 
ATOM   316 O O6    . DG  B 1 4  ? 4.769   0.306   1.944   1.00 9.30  ? 4   DG  B O6    1 
ATOM   317 N N1    . DG  B 1 4  ? 5.132   -0.300  -0.219  1.00 8.40  ? 4   DG  B N1    1 
ATOM   318 C C2    . DG  B 1 4  ? 5.397   -1.214  -1.208  1.00 7.83  ? 4   DG  B C2    1 
ATOM   319 N N2    . DG  B 1 4  ? 5.479   -0.728  -2.455  1.00 8.05  ? 4   DG  B N2    1 
ATOM   320 N N3    . DG  B 1 4  ? 5.570   -2.509  -0.991  1.00 7.99  ? 4   DG  B N3    1 
ATOM   321 C C4    . DG  B 1 4  ? 5.456   -2.821  0.317   1.00 7.59  ? 4   DG  B C4    1 
ATOM   322 P P     . DA  B 1 5  ? 4.699   -8.800  -1.477  1.00 11.73 ? 5   DA  B P     1 
ATOM   323 O OP1   . DA  B 1 5  ? 5.237   -10.183 -1.527  1.00 13.48 ? 5   DA  B OP1   1 
ATOM   324 O OP2   . DA  B 1 5  ? 3.880   -8.291  -2.604  1.00 13.23 ? 5   DA  B OP2   1 
ATOM   325 O "O5'" . DA  B 1 5  ? 3.860   -8.650  -0.131  1.00 10.75 ? 5   DA  B "O5'" 1 
ATOM   326 C "C5'" . DA  B 1 5  ? 4.454   -8.954  1.129   1.00 11.02 ? 5   DA  B "C5'" 1 
ATOM   327 C "C4'" . DA  B 1 5  ? 3.607   -8.419  2.259   1.00 10.15 ? 5   DA  B "C4'" 1 
ATOM   328 O "O4'" . DA  B 1 5  ? 3.576   -6.972  2.218   1.00 9.39  ? 5   DA  B "O4'" 1 
ATOM   329 C "C3'" . DA  B 1 5  ? 2.135   -8.871  2.300   1.00 10.48 ? 5   DA  B "C3'" 1 
ATOM   330 O "O3'" . DA  B 1 5  ? 1.896   -8.975  3.707   1.00 11.94 ? 5   DA  B "O3'" 1 
ATOM   331 C "C2'" . DA  B 1 5  ? 1.407   -7.663  1.739   1.00 9.56  ? 5   DA  B "C2'" 1 
ATOM   332 C "C1'" . DA  B 1 5  ? 2.232   -6.536  2.324   1.00 8.75  ? 5   DA  B "C1'" 1 
ATOM   333 N N9    . DA  B 1 5  ? 2.117   -5.252  1.635   1.00 7.89  ? 5   DA  B N9    1 
ATOM   334 C C8    . DA  B 1 5  ? 2.059   -5.003  0.286   1.00 7.98  ? 5   DA  B C8    1 
ATOM   335 N N7    . DA  B 1 5  ? 1.969   -3.729  -0.013  1.00 7.29  ? 5   DA  B N7    1 
ATOM   336 C C5    . DA  B 1 5  ? 1.966   -3.097  1.224   1.00 6.79  ? 5   DA  B C5    1 
ATOM   337 C C6    . DA  B 1 5  ? 1.895   -1.743  1.596   1.00 6.30  ? 5   DA  B C6    1 
ATOM   338 N N6    . DA  B 1 5  ? 1.811   -0.737  0.723   1.00 6.95  ? 5   DA  B N6    1 
ATOM   339 N N1    . DA  B 1 5  ? 1.916   -1.454  2.915   1.00 6.94  ? 5   DA  B N1    1 
ATOM   340 C C2    . DA  B 1 5  ? 2.003   -2.462  3.791   1.00 6.88  ? 5   DA  B C2    1 
ATOM   341 N N3    . DA  B 1 5  ? 2.077   -3.770  3.565   1.00 7.49  ? 5   DA  B N3    1 
ATOM   342 C C4    . DA  B 1 5  ? 2.054   -4.024  2.246   1.00 7.10  ? 5   DA  B C4    1 
ATOM   343 P P     . DT  B 1 6  ? 0.620   -9.787  4.248   1.00 13.48 ? 6   DT  B P     1 
ATOM   344 O OP1   . DT  B 1 6  ? 1.135   -10.908 5.075   1.00 15.82 ? 6   DT  B OP1   1 
ATOM   345 O OP2   . DT  B 1 6  ? -0.285  -10.072 3.106   1.00 16.13 ? 6   DT  B OP2   1 
ATOM   346 O "O5'" . DT  B 1 6  ? -0.100  -8.745  5.215   1.00 13.39 ? 6   DT  B "O5'" 1 
ATOM   347 C "C5'" . DT  B 1 6  ? -0.284  -9.031  6.600   1.00 12.07 ? 6   DT  B "C5'" 1 
ATOM   348 C "C4'" . DT  B 1 6  ? -0.280  -7.750  7.404   1.00 10.62 ? 6   DT  B "C4'" 1 
ATOM   349 O "O4'" . DT  B 1 6  ? 1.075   -7.257  7.549   1.00 10.56 ? 6   DT  B "O4'" 1 
ATOM   350 C "C3'" . DT  B 1 6  ? -1.087  -6.586  6.791   1.00 10.79 ? 6   DT  B "C3'" 1 
ATOM   351 O "O3'" . DT  B 1 6  ? -1.632  -5.818  7.869   1.00 10.56 ? 6   DT  B "O3'" 1 
ATOM   352 C "C2'" . DT  B 1 6  ? 0.000   -5.788  6.097   1.00 9.57  ? 6   DT  B "C2'" 1 
ATOM   353 C "C1'" . DT  B 1 6  ? 1.127   -5.912  7.100   1.00 9.77  ? 6   DT  B "C1'" 1 
ATOM   354 N N1    . DT  B 1 6  ? 2.475   -5.661  6.561   1.00 9.91  ? 6   DT  B N1    1 
ATOM   355 C C2    . DT  B 1 6  ? 2.918   -4.359  6.522   1.00 9.94  ? 6   DT  B C2    1 
ATOM   356 O O2    . DT  B 1 6  ? 2.245   -3.414  6.899   1.00 9.86  ? 6   DT  B O2    1 
ATOM   357 N N3    . DT  B 1 6  ? 4.186   -4.201  6.020   1.00 11.14 ? 6   DT  B N3    1 
ATOM   358 C C4    . DT  B 1 6  ? 5.033   -5.193  5.566   1.00 11.25 ? 6   DT  B C4    1 
ATOM   359 O O4    . DT  B 1 6  ? 6.149   -4.898  5.146   1.00 12.40 ? 6   DT  B O4    1 
ATOM   360 C C5    . DT  B 1 6  ? 4.502   -6.535  5.632   1.00 11.09 ? 6   DT  B C5    1 
ATOM   361 C C7    . DT  B 1 6  ? 5.349   -7.674  5.163   1.00 12.29 ? 6   DT  B C7    1 
ATOM   362 C C6    . DT  B 1 6  ? 3.264   -6.699  6.118   1.00 10.15 ? 6   DT  B C6    1 
ATOM   363 P P     . DT  B 1 7  ? -2.917  -4.885  7.618   1.00 11.44 ? 7   DT  B P     1 
ATOM   364 O OP1   . DT  B 1 7  ? -3.263  -4.255  8.917   1.00 12.74 ? 7   DT  B OP1   1 
ATOM   365 O OP2   . DT  B 1 7  ? -3.937  -5.685  6.896   1.00 13.54 ? 7   DT  B OP2   1 
ATOM   366 O "O5'" . DT  B 1 7  ? -2.389  -3.743  6.639   1.00 9.27  ? 7   DT  B "O5'" 1 
ATOM   367 C "C5'" . DT  B 1 7  ? -1.494  -2.732  7.105   1.00 8.84  ? 7   DT  B "C5'" 1 
ATOM   368 C "C4'" . DT  B 1 7  ? -1.307  -1.668  6.048   1.00 7.55  ? 7   DT  B "C4'" 1 
ATOM   369 O "O4'" . DT  B 1 7  ? -0.807  -2.276  4.834   1.00 7.21  ? 7   DT  B "O4'" 1 
ATOM   370 C "C3'" . DT  B 1 7  ? -2.592  -0.909  5.628   1.00 7.61  ? 7   DT  B "C3'" 1 
ATOM   371 O "O3'" . DT  B 1 7  ? -2.188  0.396   5.200   1.00 7.59  ? 7   DT  B "O3'" 1 
ATOM   372 C "C2'" . DT  B 1 7  ? -3.040  -1.707  4.418   1.00 7.31  ? 7   DT  B "C2'" 1 
ATOM   373 C "C1'" . DT  B 1 7  ? -1.704  -2.011  3.764   1.00 6.37  ? 7   DT  B "C1'" 1 
ATOM   374 N N1    . DT  B 1 7  ? -1.696  -3.180  2.869   1.00 6.69  ? 7   DT  B N1    1 
ATOM   375 C C2    . DT  B 1 7  ? -1.404  -2.973  1.542   1.00 7.25  ? 7   DT  B C2    1 
ATOM   376 O O2    . DT  B 1 7  ? -1.167  -1.869  1.077   1.00 7.63  ? 7   DT  B O2    1 
ATOM   377 N N3    . DT  B 1 7  ? -1.399  -4.109  0.772   1.00 7.80  ? 7   DT  B N3    1 
ATOM   378 C C4    . DT  B 1 7  ? -1.654  -5.401  1.191   1.00 8.54  ? 7   DT  B C4    1 
ATOM   379 O O4    . DT  B 1 7  ? -1.607  -6.325  0.385   1.00 9.57  ? 7   DT  B O4    1 
ATOM   380 C C5    . DT  B 1 7  ? -1.959  -5.544  2.596   1.00 8.27  ? 7   DT  B C5    1 
ATOM   381 C C7    . DT  B 1 7  ? -2.255  -6.906  3.139   1.00 9.44  ? 7   DT  B C7    1 
ATOM   382 C C6    . DT  B 1 7  ? -1.966  -4.441  3.355   1.00 7.73  ? 7   DT  B C6    1 
ATOM   383 P P     . DT  B 1 8  ? -1.762  1.495   6.290   1.00 8.18  ? 8   DT  B P     1 
ATOM   384 O OP1   . DT  B 1 8  ? -0.316  1.766   6.086   1.00 8.77  ? 8   DT  B OP1   1 
ATOM   385 O OP2   . DT  B 1 8  ? -2.245  1.052   7.622   1.00 9.41  ? 8   DT  B OP2   1 
ATOM   386 O "O5'" . DT  B 1 8  ? -2.565  2.804   5.865   1.00 8.95  ? 8   DT  B "O5'" 1 
ATOM   387 C "C5'" . DT  B 1 8  ? -2.302  4.057   6.497   1.00 9.75  ? 8   DT  B "C5'" 1 
ATOM   388 C "C4'" . DT  B 1 8  ? -2.651  5.198   5.568   1.00 9.84  ? 8   DT  B "C4'" 1 
ATOM   389 O "O4'" . DT  B 1 8  ? -1.815  5.140   4.393   1.00 9.23  ? 8   DT  B "O4'" 1 
ATOM   390 C "C3'" . DT  B 1 8  ? -4.084  5.189   5.019   1.00 9.15  ? 8   DT  B "C3'" 1 
ATOM   391 O "O3'" . DT  B 1 8  ? -4.945  5.900   5.913   1.00 10.03 ? 8   DT  B "O3'" 1 
ATOM   392 C "C2'" . DT  B 1 8  ? -3.947  5.945   3.709   1.00 10.02 ? 8   DT  B "C2'" 1 
ATOM   393 C "C1'" . DT  B 1 8  ? -2.503  5.694   3.277   1.00 9.70  ? 8   DT  B "C1'" 1 
ATOM   394 N N1    . DT  B 1 8  ? -2.362  4.755   2.150   1.00 8.73  ? 8   DT  B N1    1 
ATOM   395 C C2    . DT  B 1 8  ? -2.325  5.272   0.875   1.00 9.41  ? 8   DT  B C2    1 
ATOM   396 O O2    . DT  B 1 8  ? -2.405  6.466   0.635   1.00 11.02 ? 8   DT  B O2    1 
ATOM   397 N N3    . DT  B 1 8  ? -2.187  4.333   -0.118  1.00 9.25  ? 8   DT  B N3    1 
ATOM   398 C C4    . DT  B 1 8  ? -2.087  2.964   0.037   1.00 8.80  ? 8   DT  B C4    1 
ATOM   399 O O4    . DT  B 1 8  ? -1.966  2.244   -0.951  1.00 8.48  ? 8   DT  B O4    1 
ATOM   400 C C5    . DT  B 1 8  ? -2.137  2.492   1.402   1.00 7.66  ? 8   DT  B C5    1 
ATOM   401 C C7    . DT  B 1 8  ? -2.038  1.024   1.667   1.00 8.46  ? 8   DT  B C7    1 
ATOM   402 C C6    . DT  B 1 8  ? -2.270  3.400   2.376   1.00 8.28  ? 8   DT  B C6    1 
ATOM   403 P P     . DC  B 1 9  ? -6.529  5.633   5.879   1.00 10.04 ? 9   DC  B P     1 
ATOM   404 O OP1   . DC  B 1 9  ? -6.990  5.857   4.485   1.00 12.38 ? 9   DC  B OP1   1 
ATOM   405 O OP2   . DC  B 1 9  ? -7.152  6.396   6.990   1.00 11.92 ? 9   DC  B OP2   1 
ATOM   406 O "O5'" . DC  B 1 9  ? -6.669  4.079   6.200   1.00 9.57  ? 9   DC  B "O5'" 1 
ATOM   407 C "C5'" . DC  B 1 9  ? -7.898  3.537   6.679   1.00 9.77  ? 9   DC  B "C5'" 1 
ATOM   408 C "C4'" . DC  B 1 9  ? -7.921  2.041   6.473   1.00 9.51  ? 9   DC  B "C4'" 1 
ATOM   409 O "O4'" . DC  B 1 9  ? -7.982  1.745   5.058   1.00 9.26  ? 9   DC  B "O4'" 1 
ATOM   410 C "C3'" . DC  B 1 9  ? -6.661  1.343   7.000   1.00 9.85  ? 9   DC  B "C3'" 1 
ATOM   411 O "O3'" . DC  B 1 9  ? -6.973  0.101   7.635   1.00 11.24 ? 9   DC  B "O3'" 1 
ATOM   412 C "C2'" . DC  B 1 9  ? -5.831  1.115   5.750   1.00 9.93  ? 9   DC  B "C2'" 1 
ATOM   413 C "C1'" . DC  B 1 9  ? -6.896  0.911   4.686   1.00 8.67  ? 9   DC  B "C1'" 1 
ATOM   414 N N1    . DC  B 1 9  ? -6.479  1.296   3.330   1.00 8.95  ? 9   DC  B N1    1 
ATOM   415 C C2    . DC  B 1 9  ? -6.009  0.307   2.462   1.00 8.87  ? 9   DC  B C2    1 
ATOM   416 O O2    . DC  B 1 9  ? -5.955  -0.865  2.864   1.00 8.38  ? 9   DC  B O2    1 
ATOM   417 N N3    . DC  B 1 9  ? -5.628  0.650   1.210   1.00 7.88  ? 9   DC  B N3    1 
ATOM   418 C C4    . DC  B 1 9  ? -5.702  1.924   0.817   1.00 8.45  ? 9   DC  B C4    1 
ATOM   419 N N4    . DC  B 1 9  ? -5.316  2.218   -0.427  1.00 9.00  ? 9   DC  B N4    1 
ATOM   420 C C5    . DC  B 1 9  ? -6.176  2.953   1.682   1.00 9.23  ? 9   DC  B C5    1 
ATOM   421 C C6    . DC  B 1 9  ? -6.550  2.598   2.917   1.00 9.65  ? 9   DC  B C6    1 
ATOM   422 P P     . DG  B 1 10 ? -7.009  0.016   9.239   1.00 12.54 ? 10  DG  B P     1 
ATOM   423 O OP1   . DG  B 1 10 ? -6.045  1.014   9.763   1.00 13.43 ? 10  DG  B OP1   1 
ATOM   424 O OP2   . DG  B 1 10 ? -6.883  -1.408  9.641   1.00 13.65 ? 10  DG  B OP2   1 
ATOM   425 O "O5'" . DG  B 1 10 ? -8.476  0.513   9.609   1.00 11.93 ? 10  DG  B "O5'" 1 
ATOM   426 C "C5'" . DG  B 1 10 ? -9.626  -0.138  9.070   1.00 11.83 ? 10  DG  B "C5'" 1 
ATOM   427 C "C4'" . DG  B 1 10 ? -10.874 0.639   9.416   1.00 11.10 ? 10  DG  B "C4'" 1 
ATOM   428 O "O4'" . DG  B 1 10 ? -10.748 1.993   8.940   1.00 10.81 ? 10  DG  B "O4'" 1 
ATOM   429 C "C3'" . DG  B 1 10 ? -12.158 0.082   8.821   1.00 11.96 ? 10  DG  B "C3'" 1 
ATOM   430 O "O3'" . DG  B 1 10 ? -12.746 -0.732  9.844   1.00 12.11 ? 10  DG  B "O3'" 1 
ATOM   431 C "C2'" . DG  B 1 10 ? -12.994 1.321   8.538   1.00 11.21 ? 10  DG  B "C2'" 1 
ATOM   432 C "C1'" . DG  B 1 10 ? -11.994 2.474   8.467   1.00 11.11 ? 10  DG  B "C1'" 1 
ATOM   433 N N9    . DG  B 1 10 ? -11.770 3.028   7.136   1.00 9.76  ? 10  DG  B N9    1 
ATOM   434 C C8    . DG  B 1 10 ? -11.893 4.343   6.755   1.00 10.52 ? 10  DG  B C8    1 
ATOM   435 N N7    . DG  B 1 10 ? -11.603 4.542   5.498   1.00 9.82  ? 10  DG  B N7    1 
ATOM   436 C C5    . DG  B 1 10 ? -11.274 3.282   5.018   1.00 9.16  ? 10  DG  B C5    1 
ATOM   437 C C6    . DG  B 1 10 ? -10.867 2.868   3.723   1.00 9.03  ? 10  DG  B C6    1 
ATOM   438 O O6    . DG  B 1 10 ? -10.711 3.557   2.707   1.00 9.94  ? 10  DG  B O6    1 
ATOM   439 N N1    . DG  B 1 10 ? -10.634 1.498   3.674   1.00 9.25  ? 10  DG  B N1    1 
ATOM   440 C C2    . DG  B 1 10 ? -10.771 0.635   4.733   1.00 8.70  ? 10  DG  B C2    1 
ATOM   441 N N2    . DG  B 1 10 ? -10.500 -0.655  4.484   1.00 8.08  ? 10  DG  B N2    1 
ATOM   442 N N3    . DG  B 1 10 ? -11.146 1.008   5.945   1.00 8.82  ? 10  DG  B N3    1 
ATOM   443 C C4    . DG  B 1 10 ? -11.378 2.335   6.015   1.00 9.48  ? 10  DG  B C4    1 
ATOM   444 P P     A DC  B 1 11 ? -13.018 -2.294  9.564   0.50 12.13 ? 11  DC  B P     1 
ATOM   445 P P     B DC  B 1 11 ? -14.226 -1.359  9.673   0.50 13.49 ? 11  DC  B P     1 
ATOM   446 O OP1   A DC  B 1 11 ? -13.629 -2.869  10.788  0.50 13.04 ? 11  DC  B OP1   1 
ATOM   447 O OP1   B DC  B 1 11 ? -15.243 -0.317  9.391   0.50 13.53 ? 11  DC  B OP1   1 
ATOM   448 O OP2   A DC  B 1 11 ? -11.768 -2.881  9.021   0.50 12.53 ? 11  DC  B OP2   1 
ATOM   449 O OP2   B DC  B 1 11 ? -14.375 -2.219  10.872  0.50 13.63 ? 11  DC  B OP2   1 
ATOM   450 O "O5'" . DC  B 1 11 ? -14.112 -2.313  8.404   1.00 12.00 ? 11  DC  B "O5'" 1 
ATOM   451 C "C5'" . DC  B 1 11 ? -15.006 -3.419  8.257   1.00 12.66 ? 11  DC  B "C5'" 1 
ATOM   452 C "C4'" . DC  B 1 11 ? -14.931 -3.985  6.857   1.00 13.09 ? 11  DC  B "C4'" 1 
ATOM   453 O "O4'" . DC  B 1 11 ? -15.275 -2.962  5.893   1.00 12.18 ? 11  DC  B "O4'" 1 
ATOM   454 C "C3'" . DC  B 1 11 ? -13.531 -4.485  6.460   1.00 13.54 ? 11  DC  B "C3'" 1 
ATOM   455 O "O3'" . DC  B 1 11 ? -13.663 -5.662  5.654   1.00 14.90 ? 11  DC  B "O3'" 1 
ATOM   456 C "C2'" . DC  B 1 11 ? -12.985 -3.343  5.623   1.00 12.45 ? 11  DC  B "C2'" 1 
ATOM   457 C "C1'" . DC  B 1 11 ? -14.240 -2.846  4.931   1.00 11.74 ? 11  DC  B "C1'" 1 
ATOM   458 N N1    . DC  B 1 11 ? -14.189 -1.443  4.492   1.00 10.74 ? 11  DC  B N1    1 
ATOM   459 C C2    . DC  B 1 11 ? -13.736 -1.157  3.202   1.00 10.45 ? 11  DC  B C2    1 
ATOM   460 O O2    . DC  B 1 11 ? -13.383 -2.093  2.469   1.00 10.63 ? 11  DC  B O2    1 
ATOM   461 N N3    . DC  B 1 11 ? -13.694 0.129   2.787   1.00 10.50 ? 11  DC  B N3    1 
ATOM   462 C C4    . DC  B 1 11 ? -14.083 1.108   3.608   1.00 11.29 ? 11  DC  B C4    1 
ATOM   463 N N4    . DC  B 1 11 ? -14.029 2.363   3.155   1.00 11.72 ? 11  DC  B N4    1 
ATOM   464 C C5    . DC  B 1 11 ? -14.545 0.844   4.929   1.00 11.68 ? 11  DC  B C5    1 
ATOM   465 C C6    . DC  B 1 11 ? -14.580 -0.434  5.327   1.00 11.00 ? 11  DC  B C6    1 
ATOM   466 P P     . DG  B 1 12 ? -13.520 -7.114  6.332   1.00 16.09 ? 12  DG  B P     1 
ATOM   467 O OP1   . DG  B 1 12 ? -12.635 -6.973  7.516   1.00 16.77 ? 12  DG  B OP1   1 
ATOM   468 O OP2   . DG  B 1 12 ? -13.172 -8.092  5.269   1.00 17.06 ? 12  DG  B OP2   1 
ATOM   469 O "O5'" . DG  B 1 12 ? -14.990 -7.442  6.848   1.00 16.94 ? 12  DG  B "O5'" 1 
ATOM   470 C "C5'" . DG  B 1 12 ? -16.081 -7.539  5.932   1.00 18.64 ? 12  DG  B "C5'" 1 
ATOM   471 C "C4'" . DG  B 1 12 ? -17.395 -7.537  6.677   1.00 19.53 ? 12  DG  B "C4'" 1 
ATOM   472 O "O4'" . DG  B 1 12 ? -17.434 -6.434  7.605   1.00 18.62 ? 12  DG  B "O4'" 1 
ATOM   473 C "C3'" . DG  B 1 12 ? -18.600 -7.325  5.776   1.00 19.83 ? 12  DG  B "C3'" 1 
ATOM   474 O "O3'" . DG  B 1 12 ? -18.990 -8.526  5.104   1.00 22.84 ? 12  DG  B "O3'" 1 
ATOM   475 C "C2'" . DG  B 1 12 ? -19.626 -6.709  6.709   1.00 19.14 ? 12  DG  B "C2'" 1 
ATOM   476 C "C1'" . DG  B 1 12 ? -18.773 -5.963  7.738   1.00 17.54 ? 12  DG  B "C1'" 1 
ATOM   477 N N9    . DG  B 1 12 ? -18.748 -4.512  7.585   1.00 15.88 ? 12  DG  B N9    1 
ATOM   478 C C8    . DG  B 1 12 ? -19.051 -3.577  8.544   1.00 15.11 ? 12  DG  B C8    1 
ATOM   479 N N7    . DG  B 1 12 ? -18.927 -2.349  8.119   1.00 14.93 ? 12  DG  B N7    1 
ATOM   480 C C5    . DG  B 1 12 ? -18.519 -2.481  6.799   1.00 14.06 ? 12  DG  B C5    1 
ATOM   481 C C6    . DG  B 1 12 ? -18.220 -1.491  5.827   1.00 12.42 ? 12  DG  B C6    1 
ATOM   482 O O6    . DG  B 1 12 ? -18.255 -0.260  5.943   1.00 13.46 ? 12  DG  B O6    1 
ATOM   483 N N1    . DG  B 1 12 ? -17.845 -2.063  4.616   1.00 12.67 ? 12  DG  B N1    1 
ATOM   484 C C2    . DG  B 1 12 ? -17.767 -3.411  4.369   1.00 12.68 ? 12  DG  B C2    1 
ATOM   485 N N2    . DG  B 1 12 ? -17.385 -3.765  3.133   1.00 12.77 ? 12  DG  B N2    1 
ATOM   486 N N3    . DG  B 1 12 ? -18.041 -4.343  5.267   1.00 13.66 ? 12  DG  B N3    1 
ATOM   487 C C4    . DG  B 1 12 ? -18.407 -3.811  6.452   1.00 14.03 ? 12  DG  B C4    1 
HETATM 488 O O     . HOH C 2 .  ? -1.763  2.345   -3.657  1.00 9.96  ? 101 HOH A O     1 
HETATM 489 O O     . HOH C 2 .  ? 1.007   4.011   4.702   1.00 11.08 ? 102 HOH A O     1 
HETATM 490 O O     . HOH C 2 .  ? 1.223   -7.140  -1.994  1.00 10.38 ? 103 HOH A O     1 
HETATM 491 O O     . HOH C 2 .  ? -12.403 -4.183  -1.791  1.00 11.43 ? 104 HOH A O     1 
HETATM 492 O O     . HOH C 2 .  ? -4.382  -0.202  -5.928  1.00 12.27 ? 105 HOH A O     1 
HETATM 493 O O     . HOH C 2 .  ? -17.359 -3.768  -0.642  1.00 13.00 ? 106 HOH A O     1 
HETATM 494 O O     . HOH C 2 .  ? -6.919  0.258   -4.051  1.00 11.68 ? 107 HOH A O     1 
HETATM 495 O O     . HOH C 2 .  ? 10.035  3.550   -6.712  1.00 15.97 ? 108 HOH A O     1 
HETATM 496 O O     . HOH C 2 .  ? 4.534   5.150   3.665   1.00 15.84 ? 109 HOH A O     1 
HETATM 497 O O     . HOH C 2 .  ? -15.163 -4.751  -2.119  1.00 14.19 ? 110 HOH A O     1 
HETATM 498 O O     . HOH C 2 .  ? -8.530  4.397   -2.216  1.00 18.26 ? 111 HOH A O     1 
HETATM 499 O O     . HOH C 2 .  ? -5.700  -5.337  2.634   1.00 15.65 ? 112 HOH A O     1 
HETATM 500 O O     . HOH C 2 .  ? 13.159  10.268  -1.234  1.00 15.24 ? 113 HOH A O     1 
HETATM 501 O O     . HOH C 2 .  ? -15.117 4.547   -0.390  1.00 17.87 ? 114 HOH A O     1 
HETATM 502 O O     . HOH C 2 .  ? 7.527   3.024   -7.830  1.00 17.35 ? 115 HOH A O     1 
HETATM 503 O O     . HOH C 2 .  ? 15.130  8.858   -5.420  1.00 16.73 ? 116 HOH A O     1 
HETATM 504 O O     . HOH C 2 .  ? 2.494   7.398   -7.287  1.00 20.09 ? 117 HOH A O     1 
HETATM 505 O O     . HOH C 2 .  ? 2.062   1.911   -11.909 1.00 16.11 ? 118 HOH A O     1 
HETATM 506 O O     . HOH C 2 .  ? -11.835 5.656   -0.633  1.00 19.17 ? 119 HOH A O     1 
HETATM 507 O O     . HOH C 2 .  ? 6.993   1.773   -5.261  1.00 20.11 ? 120 HOH A O     1 
HETATM 508 O O     . HOH C 2 .  ? -11.854 -6.004  0.265   1.00 16.92 ? 121 HOH A O     1 
HETATM 509 O O     . HOH C 2 .  ? -1.983  2.400   -8.038  1.00 23.41 ? 122 HOH A O     1 
HETATM 510 O O     . HOH C 2 .  ? 4.228   3.857   -9.891  1.00 24.26 ? 123 HOH A O     1 
HETATM 511 O O     . HOH C 2 .  ? 6.920   1.686   -10.266 1.00 18.89 ? 124 HOH A O     1 
HETATM 512 O O     . HOH C 2 .  ? 11.577  8.293   -11.444 1.00 27.80 ? 125 HOH A O     1 
HETATM 513 O O     . HOH C 2 .  ? 6.579   -0.393  -6.670  1.00 22.57 ? 126 HOH A O     1 
HETATM 514 O O     . HOH C 2 .  ? -2.572  8.158   -2.266  1.00 22.35 ? 127 HOH A O     1 
HETATM 515 O O     . HOH C 2 .  ? -17.898 4.526   4.357   1.00 22.96 ? 128 HOH A O     1 
HETATM 516 O O     . HOH C 2 .  ? -6.595  -5.181  -6.981  1.00 18.55 ? 129 HOH A O     1 
HETATM 517 O O     . HOH C 2 .  ? 12.054  1.008   -3.456  1.00 24.97 ? 130 HOH A O     1 
HETATM 518 O O     . HOH C 2 .  ? 5.061   -6.443  -8.793  1.00 20.98 ? 131 HOH A O     1 
HETATM 519 O O     . HOH C 2 .  ? 0.318   -8.901  -11.788 1.00 21.65 ? 132 HOH A O     1 
HETATM 520 O O     . HOH C 2 .  ? 18.127  9.742   -7.207  1.00 21.65 ? 133 HOH A O     1 
HETATM 521 O O     . HOH C 2 .  ? 2.688   -9.716  -6.871  1.00 28.39 ? 134 HOH A O     1 
HETATM 522 O O     . HOH C 2 .  ? 6.648   8.227   0.754   1.00 21.30 ? 135 HOH A O     1 
HETATM 523 O O     . HOH C 2 .  ? 6.079   -2.548  -10.212 1.00 28.35 ? 136 HOH A O     1 
HETATM 524 O O     . HOH C 2 .  ? -7.107  -1.686  -6.276  1.00 18.86 ? 137 HOH A O     1 
HETATM 525 O O     . HOH C 2 .  ? -6.255  -9.684  2.350   1.00 25.37 ? 138 HOH A O     1 
HETATM 526 O O     . HOH C 2 .  ? 15.206  8.002   -10.334 1.00 25.94 ? 139 HOH A O     1 
HETATM 527 O O     . HOH C 2 .  ? 14.622  -0.674  -4.934  1.00 30.30 ? 140 HOH A O     1 
HETATM 528 O O     . HOH C 2 .  ? 7.397   10.689  -6.731  1.00 24.53 ? 141 HOH A O     1 
HETATM 529 O O     . HOH C 2 .  ? 14.250  2.481   -11.324 1.00 22.24 ? 142 HOH A O     1 
HETATM 530 O O     . HOH C 2 .  ? 7.951   5.458   -11.081 1.00 28.44 ? 143 HOH A O     1 
HETATM 531 O O     . HOH C 2 .  ? -0.411  4.416   -8.358  1.00 23.93 ? 144 HOH A O     1 
HETATM 532 O O     . HOH C 2 .  ? 2.043   4.997   -9.071  1.00 27.08 ? 145 HOH A O     1 
HETATM 533 O O     . HOH C 2 .  ? 16.642  3.503   -10.855 1.00 29.46 ? 146 HOH A O     1 
HETATM 534 O O     . HOH C 2 .  ? 8.950   11.260  0.021   1.00 28.29 ? 147 HOH A O     1 
HETATM 535 O O     . HOH C 2 .  ? 13.777  10.687  -4.006  1.00 17.26 ? 148 HOH A O     1 
HETATM 536 O O     . HOH C 2 .  ? -3.872  2.409   -5.329  1.00 18.69 ? 149 HOH A O     1 
HETATM 537 O O     . HOH C 2 .  ? 0.258   3.452   -10.759 1.00 24.54 ? 150 HOH A O     1 
HETATM 538 O O     . HOH C 2 .  ? 7.879   -1.795  -12.068 1.00 21.59 ? 151 HOH A O     1 
HETATM 539 O O     . HOH C 2 .  ? 3.019   4.189   -13.244 1.00 20.35 ? 152 HOH A O     1 
HETATM 540 O O     . HOH C 2 .  ? -7.435  -6.714  -9.182  1.00 21.88 ? 153 HOH A O     1 
HETATM 541 O O     . HOH C 2 .  ? -8.121  2.548   -4.549  1.00 25.00 ? 154 HOH A O     1 
HETATM 542 O O     . HOH C 2 .  ? 15.485  9.453   -8.080  1.00 20.21 ? 155 HOH A O     1 
HETATM 543 O O     . HOH C 2 .  ? -5.092  -7.269  -6.323  1.00 25.26 ? 156 HOH A O     1 
HETATM 544 O O     . HOH C 2 .  ? 0.022   2.751   -14.016 1.00 21.97 ? 157 HOH A O     1 
HETATM 545 O O     . HOH C 2 .  ? 4.868   7.693   2.728   1.00 27.24 ? 158 HOH A O     1 
HETATM 546 O O     . HOH C 2 .  ? -1.193  9.984   -0.788  1.00 31.52 ? 159 HOH A O     1 
HETATM 547 O O     . HOH C 2 .  ? 18.265  11.393  -5.177  1.00 30.08 ? 160 HOH A O     1 
HETATM 548 O O     . HOH C 2 .  ? 1.361   7.423   -10.257 1.00 28.83 ? 161 HOH A O     1 
HETATM 549 O O     . HOH C 2 .  ? 3.977   11.491  -4.985  1.00 32.29 ? 162 HOH A O     1 
HETATM 550 O O     . HOH C 2 .  ? -1.595  -9.265  0.437   1.00 30.01 ? 163 HOH A O     1 
HETATM 551 O O     . HOH C 2 .  ? 18.517  9.989   -2.951  1.00 26.16 ? 164 HOH A O     1 
HETATM 552 O O     . HOH C 2 .  ? -4.084  -10.277 0.540   1.00 27.64 ? 165 HOH A O     1 
HETATM 553 O O     . HOH C 2 .  ? 9.143   -0.809  -7.646  1.00 33.70 ? 166 HOH A O     1 
HETATM 554 O O     . HOH C 2 .  ? -8.688  -6.943  4.120   1.00 39.54 ? 167 HOH A O     1 
HETATM 555 O O     . HOH C 2 .  ? 4.478   10.516  0.828   1.00 35.67 ? 168 HOH A O     1 
HETATM 556 O O     . HOH C 2 .  ? -14.143 1.246   -7.038  1.00 32.37 ? 169 HOH A O     1 
HETATM 557 O O     . HOH C 2 .  ? 10.341  3.982   -10.724 1.00 31.46 ? 170 HOH A O     1 
HETATM 558 O O     . HOH C 2 .  ? -16.442 4.270   -5.425  1.00 44.82 ? 171 HOH A O     1 
HETATM 559 O O     . HOH C 2 .  ? -2.409  4.174   -6.530  1.00 30.22 ? 172 HOH A O     1 
HETATM 560 O O     . HOH C 2 .  ? 17.113  6.112   -11.129 1.00 31.55 ? 173 HOH A O     1 
HETATM 561 O O     . HOH C 2 .  ? 7.826   10.498  2.534   1.00 25.88 ? 174 HOH A O     1 
HETATM 562 O O     . HOH C 2 .  ? -5.932  -9.789  -5.468  1.00 37.05 ? 175 HOH A O     1 
HETATM 563 O O     . HOH C 2 .  ? -8.965  -1.400  -8.789  1.00 51.24 ? 176 HOH A O     1 
HETATM 564 O O     . HOH C 2 .  ? -1.401  9.597   -4.807  1.00 37.76 ? 177 HOH A O     1 
HETATM 565 O O     . HOH C 2 .  ? -4.281  -11.440 -5.077  1.00 34.58 ? 178 HOH A O     1 
HETATM 566 O O     . HOH D 2 .  ? 1.423   0.825   4.094   1.00 8.83  ? 101 HOH B O     1 
HETATM 567 O O     . HOH D 2 .  ? -2.226  5.345   -2.731  1.00 12.72 ? 102 HOH B O     1 
HETATM 568 O O     . HOH D 2 .  ? 4.745   -1.758  5.140   1.00 10.68 ? 103 HOH B O     1 
HETATM 569 O O     . HOH D 2 .  ? -12.406 5.721   2.204   1.00 14.07 ? 104 HOH B O     1 
HETATM 570 O O     . HOH D 2 .  ? -9.932  -2.771  6.649   1.00 12.29 ? 105 HOH B O     1 
HETATM 571 O O     . HOH D 2 .  ? -3.885  2.287   9.304   1.00 14.34 ? 106 HOH B O     1 
HETATM 572 O O     . HOH D 2 .  ? 4.218   -6.959  -4.787  1.00 12.17 ? 107 HOH B O     1 
HETATM 573 O O     . HOH D 2 .  ? 6.998   0.123   3.961   1.00 12.45 ? 108 HOH B O     1 
HETATM 574 O O     . HOH D 2 .  ? 13.474  7.773   3.584   1.00 13.44 ? 109 HOH B O     1 
HETATM 575 O O     . HOH D 2 .  ? 7.001   -1.864  -4.580  1.00 15.42 ? 110 HOH B O     1 
HETATM 576 O O     . HOH D 2 .  ? 13.388  -0.863  0.572   1.00 15.52 ? 111 HOH B O     1 
HETATM 577 O O     . HOH D 2 .  ? -10.652 7.122   4.739   1.00 15.95 ? 112 HOH B O     1 
HETATM 578 O O     . HOH D 2 .  ? -8.995  5.798   2.737   1.00 14.25 ? 113 HOH B O     1 
HETATM 579 O O     . HOH D 2 .  ? -11.593 -4.150  2.463   1.00 20.35 ? 114 HOH B O     1 
HETATM 580 O O     . HOH D 2 .  ? -5.975  5.120   -1.128  1.00 19.83 ? 115 HOH B O     1 
HETATM 581 O O     . HOH D 2 .  ? 2.044   -0.999  7.864   1.00 16.51 ? 116 HOH B O     1 
HETATM 582 O O     . HOH D 2 .  ? 7.285   5.059   4.323   1.00 19.66 ? 117 HOH B O     1 
HETATM 583 O O     . HOH D 2 .  ? -7.020  -3.023  3.964   1.00 20.12 ? 118 HOH B O     1 
HETATM 584 O O     . HOH D 2 .  ? 10.080  8.286   2.330   1.00 18.70 ? 119 HOH B O     1 
HETATM 585 O O     . HOH D 2 .  ? 8.418   -5.812  4.070   1.00 17.37 ? 120 HOH B O     1 
HETATM 586 O O     . HOH D 2 .  ? -7.403  -3.104  7.612   1.00 21.09 ? 121 HOH B O     1 
HETATM 587 O O     . HOH D 2 .  ? -9.047  3.774   9.989   1.00 18.89 ? 122 HOH B O     1 
HETATM 588 O O     . HOH D 2 .  ? -4.507  -2.432  10.469  1.00 19.46 ? 123 HOH B O     1 
HETATM 589 O O     . HOH D 2 .  ? 0.621   6.657   5.682   1.00 20.04 ? 124 HOH B O     1 
HETATM 590 O O     . HOH D 2 .  ? -0.177  -0.062  9.136   1.00 20.26 ? 125 HOH B O     1 
HETATM 591 O O     . HOH D 2 .  ? -9.466  7.682   7.147   1.00 20.29 ? 126 HOH B O     1 
HETATM 592 O O     . HOH D 2 .  ? -6.962  8.524   3.619   1.00 19.95 ? 127 HOH B O     1 
HETATM 593 O O     . HOH D 2 .  ? 13.317  -1.529  -2.201  1.00 26.36 ? 128 HOH B O     1 
HETATM 594 O O     . HOH D 2 .  ? -6.269  -5.551  8.951   1.00 20.35 ? 129 HOH B O     1 
HETATM 595 O O     . HOH D 2 .  ? -5.424  -6.642  5.028   1.00 19.66 ? 130 HOH B O     1 
HETATM 596 O O     . HOH D 2 .  ? 7.743   -2.373  5.089   1.00 15.41 ? 131 HOH B O     1 
HETATM 597 O O     . HOH D 2 .  ? -16.444 1.183   7.681   1.00 22.18 ? 132 HOH B O     1 
HETATM 598 O O     . HOH D 2 .  ? -8.272  -3.333  10.950  1.00 21.81 ? 133 HOH B O     1 
HETATM 599 O O     . HOH D 2 .  ? -13.812 -6.859  2.668   1.00 22.24 ? 134 HOH B O     1 
HETATM 600 O O     . HOH D 2 .  ? -14.716 5.189   3.963   1.00 20.22 ? 135 HOH B O     1 
HETATM 601 O O     . HOH D 2 .  ? -2.526  -0.529  10.150  1.00 27.04 ? 136 HOH B O     1 
HETATM 602 O O     . HOH D 2 .  ? -14.733 -4.304  0.881   1.00 22.34 ? 137 HOH B O     1 
HETATM 603 O O     . HOH D 2 .  ? -6.815  5.624   9.606   1.00 28.61 ? 138 HOH B O     1 
HETATM 604 O O     . HOH D 2 .  ? 13.598  1.804   7.804   1.00 25.60 ? 139 HOH B O     1 
HETATM 605 O O     . HOH D 2 .  ? -1.065  -12.531 6.592   1.00 21.23 ? 140 HOH B O     1 
HETATM 606 O O     . HOH D 2 .  ? -2.884  -10.535 3.910   1.00 28.17 ? 141 HOH B O     1 
HETATM 607 O O     . HOH D 2 .  ? 7.929   -4.419  -5.909  1.00 31.55 ? 142 HOH B O     1 
HETATM 608 O O     . HOH D 2 .  ? 1.419   3.001   7.517   1.00 36.23 ? 143 HOH B O     1 
HETATM 609 O O     . HOH D 2 .  ? -1.878  8.654   4.917   1.00 21.98 ? 144 HOH B O     1 
HETATM 610 O O     . HOH D 2 .  ? 3.623   0.622   5.885   1.00 18.57 ? 145 HOH B O     1 
HETATM 611 O O     . HOH D 2 .  ? 7.718   -7.574  2.132   1.00 21.27 ? 146 HOH B O     1 
HETATM 612 O O     . HOH D 2 .  ? 6.476   -6.629  -6.093  1.00 24.54 ? 147 HOH B O     1 
HETATM 613 O O     . HOH D 2 .  ? -15.623 1.844   11.399  1.00 22.47 ? 148 HOH B O     1 
HETATM 614 O O     . HOH D 2 .  ? -9.515  -4.116  4.201   1.00 23.08 ? 149 HOH B O     1 
HETATM 615 O O     . HOH D 2 .  ? -17.460 -6.196  0.183   1.00 22.09 ? 150 HOH B O     1 
HETATM 616 O O     . HOH D 2 .  ? 8.374   -3.281  -8.343  1.00 24.48 ? 151 HOH B O     1 
HETATM 617 O O     . HOH D 2 .  ? 7.437   2.076   5.719   1.00 23.81 ? 152 HOH B O     1 
HETATM 618 O O     . HOH D 2 .  ? 3.515   4.019   6.038   1.00 26.12 ? 153 HOH B O     1 
HETATM 619 O O     . HOH D 2 .  ? -5.231  -2.828  6.245   1.00 31.29 ? 154 HOH B O     1 
HETATM 620 O O     . HOH D 2 .  ? -4.688  4.771   -3.662  1.00 26.35 ? 155 HOH B O     1 
HETATM 621 O O     . HOH D 2 .  ? -10.209 -5.994  6.986   1.00 32.02 ? 156 HOH B O     1 
HETATM 622 O O     . HOH D 2 .  ? -16.401 -6.543  2.431   1.00 25.66 ? 157 HOH B O     1 
HETATM 623 O O     . HOH D 2 .  ? -2.709  9.291   1.768   1.00 26.01 ? 158 HOH B O     1 
HETATM 624 O O     . HOH D 2 .  ? 16.083  2.462   8.231   1.00 24.76 ? 159 HOH B O     1 
HETATM 625 O O     . HOH D 2 .  ? 3.752   -11.348 5.484   1.00 31.91 ? 160 HOH B O     1 
HETATM 626 O O     . HOH D 2 .  ? -12.410 -1.834  12.987  1.00 30.53 ? 161 HOH B O     1 
HETATM 627 O O     . HOH D 2 .  ? 10.168  -3.738  6.700   1.00 25.34 ? 162 HOH B O     1 
HETATM 628 O O     . HOH D 2 .  ? -6.253  -8.637  8.974   1.00 32.26 ? 163 HOH B O     1 
HETATM 629 O O     . HOH D 2 .  ? 9.331   0.494   -4.155  1.00 30.52 ? 164 HOH B O     1 
HETATM 630 O O     . HOH D 2 .  ? 10.523  7.563   5.579   1.00 32.05 ? 165 HOH B O     1 
HETATM 631 O O     . HOH D 2 .  ? -10.273 -4.820  9.379   1.00 33.95 ? 166 HOH B O     1 
HETATM 632 O O     . HOH D 2 .  ? -8.812  6.463   0.108   1.00 26.99 ? 167 HOH B O     1 
HETATM 633 O O     . HOH D 2 .  ? 0.672   -13.141 3.349   1.00 30.09 ? 168 HOH B O     1 
HETATM 634 O O     . HOH D 2 .  ? -3.841  -8.498  6.434   1.00 29.02 ? 169 HOH B O     1 
HETATM 635 O O     . HOH D 2 .  ? 9.900   -7.600  5.104   1.00 27.50 ? 170 HOH B O     1 
HETATM 636 O O     . HOH D 2 .  ? -2.000  4.180   10.347  1.00 28.80 ? 171 HOH B O     1 
HETATM 637 O O     . HOH D 2 .  ? 12.289  -5.024  -0.056  1.00 33.90 ? 172 HOH B O     1 
HETATM 638 O O     . HOH D 2 .  ? -4.325  4.976   10.057  1.00 35.40 ? 173 HOH B O     1 
HETATM 639 O O     . HOH D 2 .  ? -16.352 -3.384  11.709  1.00 36.25 ? 174 HOH B O     1 
HETATM 640 O O     . HOH D 2 .  ? 16.039  -2.666  -1.723  1.00 35.30 ? 175 HOH B O     1 
HETATM 641 O O     . HOH D 2 .  ? -10.999 -9.005  3.549   1.00 45.06 ? 176 HOH B O     1 
HETATM 642 O O     . HOH D 2 .  ? -14.077 -10.900 5.224   1.00 32.94 ? 177 HOH B O     1 
HETATM 643 O O     . HOH D 2 .  ? -16.269 -6.060  10.540  1.00 34.91 ? 178 HOH B O     1 
HETATM 644 O O     . HOH D 2 .  ? -2.913  -10.737 8.205   1.00 28.91 ? 179 HOH B O     1 
HETATM 645 O O     . HOH D 2 .  ? 7.309   -10.162 3.133   1.00 32.73 ? 180 HOH B O     1 
HETATM 646 O O     . HOH D 2 .  ? -5.701  10.198  5.079   1.00 27.67 ? 181 HOH B O     1 
HETATM 647 O O     . HOH D 2 .  ? 5.096   2.253   7.149   1.00 30.77 ? 182 HOH B O     1 
HETATM 648 O O     . HOH D 2 .  ? 10.359  -1.281  7.891   1.00 31.61 ? 183 HOH B O     1 
HETATM 649 O O     . HOH D 2 .  ? 12.523  -7.407  6.193   1.00 35.86 ? 184 HOH B O     1 
HETATM 650 O O     . HOH D 2 .  ? -6.703  3.053   11.647  1.00 39.43 ? 185 HOH B O     1 
HETATM 651 O O     . HOH D 2 .  ? 5.382   -11.376 3.441   1.00 34.59 ? 186 HOH B O     1 
HETATM 652 O O     . HOH D 2 .  ? -2.150  1.087   12.082  1.00 39.05 ? 187 HOH B O     1 
HETATM 653 O O     . HOH D 2 .  ? -2.983  -13.254 4.176   1.00 32.43 ? 188 HOH B O     1 
HETATM 654 O O     . HOH D 2 .  ? 0.319   2.444   10.483  1.00 32.75 ? 189 HOH B O     1 
HETATM 655 O O     . HOH D 2 .  ? -4.848  8.469   1.067   1.00 49.94 ? 190 HOH B O     1 
HETATM 656 O O     . HOH D 2 .  ? 3.269   8.639   5.552   1.00 37.61 ? 191 HOH B O     1 
HETATM 657 O O     . HOH D 2 .  ? 7.948   -10.289 -0.692  1.00 34.54 ? 192 HOH B O     1 
# 
loop_
_pdbx_poly_seq_scheme.asym_id 
_pdbx_poly_seq_scheme.entity_id 
_pdbx_poly_seq_scheme.seq_id 
_pdbx_poly_seq_scheme.mon_id 
_pdbx_poly_seq_scheme.ndb_seq_num 
_pdbx_poly_seq_scheme.pdb_seq_num 
_pdbx_poly_seq_scheme.auth_seq_num 
_pdbx_poly_seq_scheme.pdb_mon_id 
_pdbx_poly_seq_scheme.auth_mon_id 
_pdbx_poly_seq_scheme.pdb_strand_id 
_pdbx_poly_seq_scheme.pdb_ins_code 
_pdbx_poly_seq_scheme.hetero 
A 1 1  DC 1  1  1  DC DC A . n 
A 1 2  DG 2  2  2  DG DG A . n 
A 1 3  DC 3  3  3  DC DC A . n 
A 1 4  DG 4  4  4  DG DG A . n 
A 1 5  DA 5  5  5  DA DA A . n 
A 1 6  DT 6  6  6  DT DT A . n 
A 1 7  DT 7  7  7  DT DT A . n 
A 1 8  DT 8  8  8  DT DT A . n 
A 1 9  DC 9  9  9  DC DC A . n 
A 1 10 DG 10 10 10 DG DG A . n 
A 1 11 DC 11 11 11 DC DC A . n 
A 1 12 DG 12 12 12 DG DG A . n 
B 1 1  DC 1  1  1  DC DC B . n 
B 1 2  DG 2  2  2  DG DG B . n 
B 1 3  DC 3  3  3  DC DC B . n 
B 1 4  DG 4  4  4  DG DG B . n 
B 1 5  DA 5  5  5  DA DA B . n 
B 1 6  DT 6  6  6  DT DT B . n 
B 1 7  DT 7  7  7  DT DT B . n 
B 1 8  DT 8  8  8  DT DT B . n 
B 1 9  DC 9  9  9  DC DC B . n 
B 1 10 DG 10 10 10 DG DG B . n 
B 1 11 DC 11 11 11 DC DC B . n 
B 1 12 DG 12 12 12 DG DG B . n 
# 
loop_
_pdbx_nonpoly_scheme.asym_id 
_pdbx_nonpoly_scheme.entity_id 
_pdbx_nonpoly_scheme.mon_id 
_pdbx_nonpoly_scheme.ndb_seq_num 
_pdbx_nonpoly_scheme.pdb_seq_num 
_pdbx_nonpoly_scheme.auth_seq_num 
_pdbx_nonpoly_scheme.pdb_mon_id 
_pdbx_nonpoly_scheme.auth_mon_id 
_pdbx_nonpoly_scheme.pdb_strand_id 
_pdbx_nonpoly_scheme.pdb_ins_code 
C 2 HOH 1  101 102 HOH HOH A . 
C 2 HOH 2  102 103 HOH HOH A . 
C 2 HOH 3  103 104 HOH HOH A . 
C 2 HOH 4  104 106 HOH HOH A . 
C 2 HOH 5  105 107 HOH HOH A . 
C 2 HOH 6  106 109 HOH HOH A . 
C 2 HOH 7  107 115 HOH HOH A . 
C 2 HOH 8  108 117 HOH HOH A . 
C 2 HOH 9  109 118 HOH HOH A . 
C 2 HOH 10 110 121 HOH HOH A . 
C 2 HOH 11 111 122 HOH HOH A . 
C 2 HOH 12 112 123 HOH HOH A . 
C 2 HOH 13 113 124 HOH HOH A . 
C 2 HOH 14 114 125 HOH HOH A . 
C 2 HOH 15 115 128 HOH HOH A . 
C 2 HOH 16 116 130 HOH HOH A . 
C 2 HOH 17 117 134 HOH HOH A . 
C 2 HOH 18 118 137 HOH HOH A . 
C 2 HOH 19 119 139 HOH HOH A . 
C 2 HOH 20 120 141 HOH HOH A . 
C 2 HOH 21 121 142 HOH HOH A . 
C 2 HOH 22 122 147 HOH HOH A . 
C 2 HOH 23 123 149 HOH HOH A . 
C 2 HOH 24 124 151 HOH HOH A . 
C 2 HOH 25 125 152 HOH HOH A . 
C 2 HOH 26 126 155 HOH HOH A . 
C 2 HOH 27 127 156 HOH HOH A . 
C 2 HOH 28 128 158 HOH HOH A . 
C 2 HOH 29 129 159 HOH HOH A . 
C 2 HOH 30 130 162 HOH HOH A . 
C 2 HOH 31 131 164 HOH HOH A . 
C 2 HOH 32 132 165 HOH HOH A . 
C 2 HOH 33 133 166 HOH HOH A . 
C 2 HOH 34 134 167 HOH HOH A . 
C 2 HOH 35 135 170 HOH HOH A . 
C 2 HOH 36 136 171 HOH HOH A . 
C 2 HOH 37 137 172 HOH HOH A . 
C 2 HOH 38 138 173 HOH HOH A . 
C 2 HOH 39 139 174 HOH HOH A . 
C 2 HOH 40 140 175 HOH HOH A . 
C 2 HOH 41 141 177 HOH HOH A . 
C 2 HOH 42 142 179 HOH HOH A . 
C 2 HOH 43 143 181 HOH HOH A . 
C 2 HOH 44 144 184 HOH HOH A . 
C 2 HOH 45 145 188 HOH HOH A . 
C 2 HOH 46 146 190 HOH HOH A . 
C 2 HOH 47 147 192 HOH HOH A . 
C 2 HOH 48 148 194 HOH HOH A . 
C 2 HOH 49 149 195 HOH HOH A . 
C 2 HOH 50 150 196 HOH HOH A . 
C 2 HOH 51 151 199 HOH HOH A . 
C 2 HOH 52 152 200 HOH HOH A . 
C 2 HOH 53 153 202 HOH HOH A . 
C 2 HOH 54 154 206 HOH HOH A . 
C 2 HOH 55 155 207 HOH HOH A . 
C 2 HOH 56 156 211 HOH HOH A . 
C 2 HOH 57 157 213 HOH HOH A . 
C 2 HOH 58 158 215 HOH HOH A . 
C 2 HOH 59 159 216 HOH HOH A . 
C 2 HOH 60 160 217 HOH HOH A . 
C 2 HOH 61 161 220 HOH HOH A . 
C 2 HOH 62 162 222 HOH HOH A . 
C 2 HOH 63 163 224 HOH HOH A . 
C 2 HOH 64 164 234 HOH HOH A . 
C 2 HOH 65 165 235 HOH HOH A . 
C 2 HOH 66 166 238 HOH HOH A . 
C 2 HOH 67 167 239 HOH HOH A . 
C 2 HOH 68 168 240 HOH HOH A . 
C 2 HOH 69 169 245 HOH HOH A . 
C 2 HOH 70 170 246 HOH HOH A . 
C 2 HOH 71 171 251 HOH HOH A . 
C 2 HOH 72 172 254 HOH HOH A . 
C 2 HOH 73 173 255 HOH HOH A . 
C 2 HOH 74 174 263 HOH HOH A . 
C 2 HOH 75 175 272 HOH HOH A . 
C 2 HOH 76 176 276 HOH HOH A . 
C 2 HOH 77 177 277 HOH HOH A . 
C 2 HOH 78 178 278 HOH HOH A . 
D 2 HOH 1  101 101 HOH HOH B . 
D 2 HOH 2  102 105 HOH HOH B . 
D 2 HOH 3  103 108 HOH HOH B . 
D 2 HOH 4  104 110 HOH HOH B . 
D 2 HOH 5  105 111 HOH HOH B . 
D 2 HOH 6  106 112 HOH HOH B . 
D 2 HOH 7  107 113 HOH HOH B . 
D 2 HOH 8  108 114 HOH HOH B . 
D 2 HOH 9  109 116 HOH HOH B . 
D 2 HOH 10 110 119 HOH HOH B . 
D 2 HOH 11 111 120 HOH HOH B . 
D 2 HOH 12 112 126 HOH HOH B . 
D 2 HOH 13 113 127 HOH HOH B . 
D 2 HOH 14 114 129 HOH HOH B . 
D 2 HOH 15 115 131 HOH HOH B . 
D 2 HOH 16 116 132 HOH HOH B . 
D 2 HOH 17 117 133 HOH HOH B . 
D 2 HOH 18 118 135 HOH HOH B . 
D 2 HOH 19 119 136 HOH HOH B . 
D 2 HOH 20 120 138 HOH HOH B . 
D 2 HOH 21 121 140 HOH HOH B . 
D 2 HOH 22 122 143 HOH HOH B . 
D 2 HOH 23 123 144 HOH HOH B . 
D 2 HOH 24 124 145 HOH HOH B . 
D 2 HOH 25 125 146 HOH HOH B . 
D 2 HOH 26 126 148 HOH HOH B . 
D 2 HOH 27 127 150 HOH HOH B . 
D 2 HOH 28 128 153 HOH HOH B . 
D 2 HOH 29 129 154 HOH HOH B . 
D 2 HOH 30 130 157 HOH HOH B . 
D 2 HOH 31 131 160 HOH HOH B . 
D 2 HOH 32 132 161 HOH HOH B . 
D 2 HOH 33 133 163 HOH HOH B . 
D 2 HOH 34 134 168 HOH HOH B . 
D 2 HOH 35 135 176 HOH HOH B . 
D 2 HOH 36 136 178 HOH HOH B . 
D 2 HOH 37 137 180 HOH HOH B . 
D 2 HOH 38 138 182 HOH HOH B . 
D 2 HOH 39 139 185 HOH HOH B . 
D 2 HOH 40 140 186 HOH HOH B . 
D 2 HOH 41 141 187 HOH HOH B . 
D 2 HOH 42 142 189 HOH HOH B . 
D 2 HOH 43 143 193 HOH HOH B . 
D 2 HOH 44 144 197 HOH HOH B . 
D 2 HOH 45 145 198 HOH HOH B . 
D 2 HOH 46 146 201 HOH HOH B . 
D 2 HOH 47 147 203 HOH HOH B . 
D 2 HOH 48 148 204 HOH HOH B . 
D 2 HOH 49 149 205 HOH HOH B . 
D 2 HOH 50 150 208 HOH HOH B . 
D 2 HOH 51 151 209 HOH HOH B . 
D 2 HOH 52 152 210 HOH HOH B . 
D 2 HOH 53 153 212 HOH HOH B . 
D 2 HOH 54 154 214 HOH HOH B . 
D 2 HOH 55 155 218 HOH HOH B . 
D 2 HOH 56 156 219 HOH HOH B . 
D 2 HOH 57 157 221 HOH HOH B . 
D 2 HOH 58 158 223 HOH HOH B . 
D 2 HOH 59 159 225 HOH HOH B . 
D 2 HOH 60 160 226 HOH HOH B . 
D 2 HOH 61 161 228 HOH HOH B . 
D 2 HOH 62 162 229 HOH HOH B . 
D 2 HOH 63 163 230 HOH HOH B . 
D 2 HOH 64 164 231 HOH HOH B . 
D 2 HOH 65 165 232 HOH HOH B . 
D 2 HOH 66 166 233 HOH HOH B . 
D 2 HOH 67 167 237 HOH HOH B . 
D 2 HOH 68 168 241 HOH HOH B . 
D 2 HOH 69 169 242 HOH HOH B . 
D 2 HOH 70 170 243 HOH HOH B . 
D 2 HOH 71 171 244 HOH HOH B . 
D 2 HOH 72 172 247 HOH HOH B . 
D 2 HOH 73 173 248 HOH HOH B . 
D 2 HOH 74 174 249 HOH HOH B . 
D 2 HOH 75 175 250 HOH HOH B . 
D 2 HOH 76 176 252 HOH HOH B . 
D 2 HOH 77 177 253 HOH HOH B . 
D 2 HOH 78 178 256 HOH HOH B . 
D 2 HOH 79 179 257 HOH HOH B . 
D 2 HOH 80 180 258 HOH HOH B . 
D 2 HOH 81 181 259 HOH HOH B . 
D 2 HOH 82 182 260 HOH HOH B . 
D 2 HOH 83 183 262 HOH HOH B . 
D 2 HOH 84 184 265 HOH HOH B . 
D 2 HOH 85 185 266 HOH HOH B . 
D 2 HOH 86 186 269 HOH HOH B . 
D 2 HOH 87 187 270 HOH HOH B . 
D 2 HOH 88 188 273 HOH HOH B . 
D 2 HOH 89 189 274 HOH HOH B . 
D 2 HOH 90 190 275 HOH HOH B . 
D 2 HOH 91 191 279 HOH HOH B . 
D 2 HOH 92 192 280 HOH HOH B . 
# 
_pdbx_struct_assembly.id                   1 
_pdbx_struct_assembly.details              author_and_software_defined_assembly 
_pdbx_struct_assembly.method_details       PISA 
_pdbx_struct_assembly.oligomeric_details   dimeric 
_pdbx_struct_assembly.oligomeric_count     2 
# 
_pdbx_struct_assembly_gen.assembly_id       1 
_pdbx_struct_assembly_gen.oper_expression   1 
_pdbx_struct_assembly_gen.asym_id_list      A,B,C,D 
# 
loop_
_pdbx_struct_assembly_prop.biol_id 
_pdbx_struct_assembly_prop.type 
_pdbx_struct_assembly_prop.value 
_pdbx_struct_assembly_prop.details 
1 'ABSA (A^2)' 1380 ? 
1 MORE         -11  ? 
1 'SSA (A^2)'  3970 ? 
# 
_pdbx_struct_oper_list.id                   1 
_pdbx_struct_oper_list.type                 'identity operation' 
_pdbx_struct_oper_list.name                 1_555 
_pdbx_struct_oper_list.symmetry_operation   x,y,z 
_pdbx_struct_oper_list.matrix[1][1]         1.0000000000 
_pdbx_struct_oper_list.matrix[1][2]         0.0000000000 
_pdbx_struct_oper_list.matrix[1][3]         0.0000000000 
_pdbx_struct_oper_list.vector[1]            0.0000000000 
_pdbx_struct_oper_list.matrix[2][1]         0.0000000000 
_pdbx_struct_oper_list.matrix[2][2]         1.0000000000 
_pdbx_struct_oper_list.matrix[2][3]         0.0000000000 
_pdbx_struct_oper_list.vector[2]            0.0000000000 
_pdbx_struct_oper_list.matrix[3][1]         0.0000000000 
_pdbx_struct_oper_list.matrix[3][2]         0.0000000000 
_pdbx_struct_oper_list.matrix[3][3]         1.0000000000 
_pdbx_struct_oper_list.vector[3]            0.0000000000 
# 
loop_
_pdbx_audit_revision_history.ordinal 
_pdbx_audit_revision_history.data_content_type 
_pdbx_audit_revision_history.major_revision 
_pdbx_audit_revision_history.minor_revision 
_pdbx_audit_revision_history.revision_date 
1 'Structure model' 1 0 2014-03-05 
2 'Structure model' 1 1 2023-11-08 
# 
_pdbx_audit_revision_details.ordinal             1 
_pdbx_audit_revision_details.revision_ordinal    1 
_pdbx_audit_revision_details.data_content_type   'Structure model' 
_pdbx_audit_revision_details.provider            repository 
_pdbx_audit_revision_details.type                'Initial release' 
_pdbx_audit_revision_details.description         ? 
_pdbx_audit_revision_details.details             ? 
# 
loop_
_pdbx_audit_revision_group.ordinal 
_pdbx_audit_revision_group.revision_ordinal 
_pdbx_audit_revision_group.data_content_type 
_pdbx_audit_revision_group.group 
1 2 'Structure model' 'Data collection'        
2 2 'Structure model' 'Database references'    
3 2 'Structure model' 'Refinement description' 
# 
loop_
_pdbx_audit_revision_category.ordinal 
_pdbx_audit_revision_category.revision_ordinal 
_pdbx_audit_revision_category.data_content_type 
_pdbx_audit_revision_category.category 
1 2 'Structure model' chem_comp_atom                
2 2 'Structure model' chem_comp_bond                
3 2 'Structure model' database_2                    
4 2 'Structure model' pdbx_initial_refinement_model 
# 
loop_
_pdbx_audit_revision_item.ordinal 
_pdbx_audit_revision_item.revision_ordinal 
_pdbx_audit_revision_item.data_content_type 
_pdbx_audit_revision_item.item 
1 2 'Structure model' '_database_2.pdbx_DOI'                
2 2 'Structure model' '_database_2.pdbx_database_accession' 
# 
loop_
_software.pdbx_ordinal 
_software.name 
_software.version 
_software.date 
_software.type 
_software.contact_author 
_software.contact_author_email 
_software.classification 
_software.location 
_software.language 
_software.citation_id 
1 CNS          .    ?                package 'Axel T. Brunger' axel.brunger@yale.edu    refinement        http://cns-online.org/ 
Fortran_77 ? 
2 PDB_EXTRACT  3.11 'April 22, 2011' package PDB               deposit@deposit.rcsb.org 'data extraction' 
http://sw-tools.pdb.org/apps/PDB_EXTRACT/ C++        ? 
3 CrystalClear .    ?                ?       ?                 ?                        'data reduction'  ? ?          ? 
4 CrystalClear .    ?                ?       ?                 ?                        'data scaling'    ? ?          ? 
5 PHENIX       .    ?                ?       ?                 ?                        phasing           ? ?          ? 
# 
loop_
_chem_comp_atom.comp_id 
_chem_comp_atom.atom_id 
_chem_comp_atom.type_symbol 
_chem_comp_atom.pdbx_aromatic_flag 
_chem_comp_atom.pdbx_stereo_config 
_chem_comp_atom.pdbx_ordinal 
DA  OP3    O N N 1   
DA  P      P N N 2   
DA  OP1    O N N 3   
DA  OP2    O N N 4   
DA  "O5'"  O N N 5   
DA  "C5'"  C N N 6   
DA  "C4'"  C N R 7   
DA  "O4'"  O N N 8   
DA  "C3'"  C N S 9   
DA  "O3'"  O N N 10  
DA  "C2'"  C N N 11  
DA  "C1'"  C N R 12  
DA  N9     N Y N 13  
DA  C8     C Y N 14  
DA  N7     N Y N 15  
DA  C5     C Y N 16  
DA  C6     C Y N 17  
DA  N6     N N N 18  
DA  N1     N Y N 19  
DA  C2     C Y N 20  
DA  N3     N Y N 21  
DA  C4     C Y N 22  
DA  HOP3   H N N 23  
DA  HOP2   H N N 24  
DA  "H5'"  H N N 25  
DA  "H5''" H N N 26  
DA  "H4'"  H N N 27  
DA  "H3'"  H N N 28  
DA  "HO3'" H N N 29  
DA  "H2'"  H N N 30  
DA  "H2''" H N N 31  
DA  "H1'"  H N N 32  
DA  H8     H N N 33  
DA  H61    H N N 34  
DA  H62    H N N 35  
DA  H2     H N N 36  
DC  OP3    O N N 37  
DC  P      P N N 38  
DC  OP1    O N N 39  
DC  OP2    O N N 40  
DC  "O5'"  O N N 41  
DC  "C5'"  C N N 42  
DC  "C4'"  C N R 43  
DC  "O4'"  O N N 44  
DC  "C3'"  C N S 45  
DC  "O3'"  O N N 46  
DC  "C2'"  C N N 47  
DC  "C1'"  C N R 48  
DC  N1     N N N 49  
DC  C2     C N N 50  
DC  O2     O N N 51  
DC  N3     N N N 52  
DC  C4     C N N 53  
DC  N4     N N N 54  
DC  C5     C N N 55  
DC  C6     C N N 56  
DC  HOP3   H N N 57  
DC  HOP2   H N N 58  
DC  "H5'"  H N N 59  
DC  "H5''" H N N 60  
DC  "H4'"  H N N 61  
DC  "H3'"  H N N 62  
DC  "HO3'" H N N 63  
DC  "H2'"  H N N 64  
DC  "H2''" H N N 65  
DC  "H1'"  H N N 66  
DC  H41    H N N 67  
DC  H42    H N N 68  
DC  H5     H N N 69  
DC  H6     H N N 70  
DG  OP3    O N N 71  
DG  P      P N N 72  
DG  OP1    O N N 73  
DG  OP2    O N N 74  
DG  "O5'"  O N N 75  
DG  "C5'"  C N N 76  
DG  "C4'"  C N R 77  
DG  "O4'"  O N N 78  
DG  "C3'"  C N S 79  
DG  "O3'"  O N N 80  
DG  "C2'"  C N N 81  
DG  "C1'"  C N R 82  
DG  N9     N Y N 83  
DG  C8     C Y N 84  
DG  N7     N Y N 85  
DG  C5     C Y N 86  
DG  C6     C N N 87  
DG  O6     O N N 88  
DG  N1     N N N 89  
DG  C2     C N N 90  
DG  N2     N N N 91  
DG  N3     N N N 92  
DG  C4     C Y N 93  
DG  HOP3   H N N 94  
DG  HOP2   H N N 95  
DG  "H5'"  H N N 96  
DG  "H5''" H N N 97  
DG  "H4'"  H N N 98  
DG  "H3'"  H N N 99  
DG  "HO3'" H N N 100 
DG  "H2'"  H N N 101 
DG  "H2''" H N N 102 
DG  "H1'"  H N N 103 
DG  H8     H N N 104 
DG  H1     H N N 105 
DG  H21    H N N 106 
DG  H22    H N N 107 
DT  OP3    O N N 108 
DT  P      P N N 109 
DT  OP1    O N N 110 
DT  OP2    O N N 111 
DT  "O5'"  O N N 112 
DT  "C5'"  C N N 113 
DT  "C4'"  C N R 114 
DT  "O4'"  O N N 115 
DT  "C3'"  C N S 116 
DT  "O3'"  O N N 117 
DT  "C2'"  C N N 118 
DT  "C1'"  C N R 119 
DT  N1     N N N 120 
DT  C2     C N N 121 
DT  O2     O N N 122 
DT  N3     N N N 123 
DT  C4     C N N 124 
DT  O4     O N N 125 
DT  C5     C N N 126 
DT  C7     C N N 127 
DT  C6     C N N 128 
DT  HOP3   H N N 129 
DT  HOP2   H N N 130 
DT  "H5'"  H N N 131 
DT  "H5''" H N N 132 
DT  "H4'"  H N N 133 
DT  "H3'"  H N N 134 
DT  "HO3'" H N N 135 
DT  "H2'"  H N N 136 
DT  "H2''" H N N 137 
DT  "H1'"  H N N 138 
DT  H3     H N N 139 
DT  H71    H N N 140 
DT  H72    H N N 141 
DT  H73    H N N 142 
DT  H6     H N N 143 
HOH O      O N N 144 
HOH H1     H N N 145 
HOH H2     H N N 146 
# 
loop_
_chem_comp_bond.comp_id 
_chem_comp_bond.atom_id_1 
_chem_comp_bond.atom_id_2 
_chem_comp_bond.value_order 
_chem_comp_bond.pdbx_aromatic_flag 
_chem_comp_bond.pdbx_stereo_config 
_chem_comp_bond.pdbx_ordinal 
DA  OP3   P      sing N N 1   
DA  OP3   HOP3   sing N N 2   
DA  P     OP1    doub N N 3   
DA  P     OP2    sing N N 4   
DA  P     "O5'"  sing N N 5   
DA  OP2   HOP2   sing N N 6   
DA  "O5'" "C5'"  sing N N 7   
DA  "C5'" "C4'"  sing N N 8   
DA  "C5'" "H5'"  sing N N 9   
DA  "C5'" "H5''" sing N N 10  
DA  "C4'" "O4'"  sing N N 11  
DA  "C4'" "C3'"  sing N N 12  
DA  "C4'" "H4'"  sing N N 13  
DA  "O4'" "C1'"  sing N N 14  
DA  "C3'" "O3'"  sing N N 15  
DA  "C3'" "C2'"  sing N N 16  
DA  "C3'" "H3'"  sing N N 17  
DA  "O3'" "HO3'" sing N N 18  
DA  "C2'" "C1'"  sing N N 19  
DA  "C2'" "H2'"  sing N N 20  
DA  "C2'" "H2''" sing N N 21  
DA  "C1'" N9     sing N N 22  
DA  "C1'" "H1'"  sing N N 23  
DA  N9    C8     sing Y N 24  
DA  N9    C4     sing Y N 25  
DA  C8    N7     doub Y N 26  
DA  C8    H8     sing N N 27  
DA  N7    C5     sing Y N 28  
DA  C5    C6     sing Y N 29  
DA  C5    C4     doub Y N 30  
DA  C6    N6     sing N N 31  
DA  C6    N1     doub Y N 32  
DA  N6    H61    sing N N 33  
DA  N6    H62    sing N N 34  
DA  N1    C2     sing Y N 35  
DA  C2    N3     doub Y N 36  
DA  C2    H2     sing N N 37  
DA  N3    C4     sing Y N 38  
DC  OP3   P      sing N N 39  
DC  OP3   HOP3   sing N N 40  
DC  P     OP1    doub N N 41  
DC  P     OP2    sing N N 42  
DC  P     "O5'"  sing N N 43  
DC  OP2   HOP2   sing N N 44  
DC  "O5'" "C5'"  sing N N 45  
DC  "C5'" "C4'"  sing N N 46  
DC  "C5'" "H5'"  sing N N 47  
DC  "C5'" "H5''" sing N N 48  
DC  "C4'" "O4'"  sing N N 49  
DC  "C4'" "C3'"  sing N N 50  
DC  "C4'" "H4'"  sing N N 51  
DC  "O4'" "C1'"  sing N N 52  
DC  "C3'" "O3'"  sing N N 53  
DC  "C3'" "C2'"  sing N N 54  
DC  "C3'" "H3'"  sing N N 55  
DC  "O3'" "HO3'" sing N N 56  
DC  "C2'" "C1'"  sing N N 57  
DC  "C2'" "H2'"  sing N N 58  
DC  "C2'" "H2''" sing N N 59  
DC  "C1'" N1     sing N N 60  
DC  "C1'" "H1'"  sing N N 61  
DC  N1    C2     sing N N 62  
DC  N1    C6     sing N N 63  
DC  C2    O2     doub N N 64  
DC  C2    N3     sing N N 65  
DC  N3    C4     doub N N 66  
DC  C4    N4     sing N N 67  
DC  C4    C5     sing N N 68  
DC  N4    H41    sing N N 69  
DC  N4    H42    sing N N 70  
DC  C5    C6     doub N N 71  
DC  C5    H5     sing N N 72  
DC  C6    H6     sing N N 73  
DG  OP3   P      sing N N 74  
DG  OP3   HOP3   sing N N 75  
DG  P     OP1    doub N N 76  
DG  P     OP2    sing N N 77  
DG  P     "O5'"  sing N N 78  
DG  OP2   HOP2   sing N N 79  
DG  "O5'" "C5'"  sing N N 80  
DG  "C5'" "C4'"  sing N N 81  
DG  "C5'" "H5'"  sing N N 82  
DG  "C5'" "H5''" sing N N 83  
DG  "C4'" "O4'"  sing N N 84  
DG  "C4'" "C3'"  sing N N 85  
DG  "C4'" "H4'"  sing N N 86  
DG  "O4'" "C1'"  sing N N 87  
DG  "C3'" "O3'"  sing N N 88  
DG  "C3'" "C2'"  sing N N 89  
DG  "C3'" "H3'"  sing N N 90  
DG  "O3'" "HO3'" sing N N 91  
DG  "C2'" "C1'"  sing N N 92  
DG  "C2'" "H2'"  sing N N 93  
DG  "C2'" "H2''" sing N N 94  
DG  "C1'" N9     sing N N 95  
DG  "C1'" "H1'"  sing N N 96  
DG  N9    C8     sing Y N 97  
DG  N9    C4     sing Y N 98  
DG  C8    N7     doub Y N 99  
DG  C8    H8     sing N N 100 
DG  N7    C5     sing Y N 101 
DG  C5    C6     sing N N 102 
DG  C5    C4     doub Y N 103 
DG  C6    O6     doub N N 104 
DG  C6    N1     sing N N 105 
DG  N1    C2     sing N N 106 
DG  N1    H1     sing N N 107 
DG  C2    N2     sing N N 108 
DG  C2    N3     doub N N 109 
DG  N2    H21    sing N N 110 
DG  N2    H22    sing N N 111 
DG  N3    C4     sing N N 112 
DT  OP3   P      sing N N 113 
DT  OP3   HOP3   sing N N 114 
DT  P     OP1    doub N N 115 
DT  P     OP2    sing N N 116 
DT  P     "O5'"  sing N N 117 
DT  OP2   HOP2   sing N N 118 
DT  "O5'" "C5'"  sing N N 119 
DT  "C5'" "C4'"  sing N N 120 
DT  "C5'" "H5'"  sing N N 121 
DT  "C5'" "H5''" sing N N 122 
DT  "C4'" "O4'"  sing N N 123 
DT  "C4'" "C3'"  sing N N 124 
DT  "C4'" "H4'"  sing N N 125 
DT  "O4'" "C1'"  sing N N 126 
DT  "C3'" "O3'"  sing N N 127 
DT  "C3'" "C2'"  sing N N 128 
DT  "C3'" "H3'"  sing N N 129 
DT  "O3'" "HO3'" sing N N 130 
DT  "C2'" "C1'"  sing N N 131 
DT  "C2'" "H2'"  sing N N 132 
DT  "C2'" "H2''" sing N N 133 
DT  "C1'" N1     sing N N 134 
DT  "C1'" "H1'"  sing N N 135 
DT  N1    C2     sing N N 136 
DT  N1    C6     sing N N 137 
DT  C2    O2     doub N N 138 
DT  C2    N3     sing N N 139 
DT  N3    C4     sing N N 140 
DT  N3    H3     sing N N 141 
DT  C4    O4     doub N N 142 
DT  C4    C5     sing N N 143 
DT  C5    C7     sing N N 144 
DT  C5    C6     doub N N 145 
DT  C7    H71    sing N N 146 
DT  C7    H72    sing N N 147 
DT  C7    H73    sing N N 148 
DT  C6    H6     sing N N 149 
HOH O     H1     sing N N 150 
HOH O     H2     sing N N 151 
# 
loop_
_ndb_struct_conf_na.entry_id 
_ndb_struct_conf_na.feature 
4L25 'double helix'  
4L25 'internal loop' 
# 
loop_
_ndb_struct_na_base_pair.model_number 
_ndb_struct_na_base_pair.i_label_asym_id 
_ndb_struct_na_base_pair.i_label_comp_id 
_ndb_struct_na_base_pair.i_label_seq_id 
_ndb_struct_na_base_pair.i_symmetry 
_ndb_struct_na_base_pair.j_label_asym_id 
_ndb_struct_na_base_pair.j_label_comp_id 
_ndb_struct_na_base_pair.j_label_seq_id 
_ndb_struct_na_base_pair.j_symmetry 
_ndb_struct_na_base_pair.shear 
_ndb_struct_na_base_pair.stretch 
_ndb_struct_na_base_pair.stagger 
_ndb_struct_na_base_pair.buckle 
_ndb_struct_na_base_pair.propeller 
_ndb_struct_na_base_pair.opening 
_ndb_struct_na_base_pair.pair_number 
_ndb_struct_na_base_pair.pair_name 
_ndb_struct_na_base_pair.i_auth_asym_id 
_ndb_struct_na_base_pair.i_auth_seq_id 
_ndb_struct_na_base_pair.i_PDB_ins_code 
_ndb_struct_na_base_pair.j_auth_asym_id 
_ndb_struct_na_base_pair.j_auth_seq_id 
_ndb_struct_na_base_pair.j_PDB_ins_code 
_ndb_struct_na_base_pair.hbond_type_28 
_ndb_struct_na_base_pair.hbond_type_12 
1 A DC 1 1_555 B DG 12 1_555 0.330  -0.147 -0.318 5.853  -2.725  -0.282   1  A_DC1:DG12_B A 1 ? B 12 ? 19 1 
1 A DG 2 1_555 B DC 11 1_555 -0.234 -0.140 -0.138 3.381  4.912   -2.544   2  A_DG2:DC11_B A 2 ? B 11 ? 19 1 
1 A DC 3 1_555 B DG 10 1_555 0.469  -0.176 -0.214 -5.930 0.349   0.135    3  A_DC3:DG10_B A 3 ? B 10 ? 19 1 
1 A DG 4 1_555 B DC 9  1_555 -0.285 -0.062 -0.102 13.793 -5.944  -2.771   4  A_DG4:DC9_B  A 4 ? B 9  ? 19 1 
1 A DA 5 1_555 B DT 8  1_555 3.190  3.036  -0.215 1.290  -10.484 -103.728 5  A_DA5:DT8_B  A 5 ? B 8  ? ?  ? 
1 B DA 5 1_555 A DT 8  1_555 3.210  3.055  -0.190 4.150  -8.325  -103.740 6  B_DA5:DT8_A  B 5 ? A 8  ? ?  ? 
1 B DG 4 1_555 A DC 9  1_555 -0.289 -0.099 -0.055 12.770 -4.729  -3.475   7  B_DG4:DC9_A  B 4 ? A 9  ? 19 1 
1 B DC 3 1_555 A DG 10 1_555 0.522  -0.255 -0.290 -3.706 1.660   -1.278   8  B_DC3:DG10_A B 3 ? A 10 ? 19 1 
1 B DG 2 1_555 A DC 11 1_555 -0.317 -0.158 -0.095 1.465  5.534   -1.703   9  B_DG2:DC11_A B 2 ? A 11 ? 19 1 
1 B DC 1 1_555 A DG 12 1_555 0.421  -0.203 -0.457 8.448  -2.989  -1.892   10 B_DC1:DG12_A B 1 ? A 12 ? 19 1 
# 
loop_
_ndb_struct_na_base_pair_step.model_number 
_ndb_struct_na_base_pair_step.i_label_asym_id_1 
_ndb_struct_na_base_pair_step.i_label_comp_id_1 
_ndb_struct_na_base_pair_step.i_label_seq_id_1 
_ndb_struct_na_base_pair_step.i_symmetry_1 
_ndb_struct_na_base_pair_step.j_label_asym_id_1 
_ndb_struct_na_base_pair_step.j_label_comp_id_1 
_ndb_struct_na_base_pair_step.j_label_seq_id_1 
_ndb_struct_na_base_pair_step.j_symmetry_1 
_ndb_struct_na_base_pair_step.i_label_asym_id_2 
_ndb_struct_na_base_pair_step.i_label_comp_id_2 
_ndb_struct_na_base_pair_step.i_label_seq_id_2 
_ndb_struct_na_base_pair_step.i_symmetry_2 
_ndb_struct_na_base_pair_step.j_label_asym_id_2 
_ndb_struct_na_base_pair_step.j_label_comp_id_2 
_ndb_struct_na_base_pair_step.j_label_seq_id_2 
_ndb_struct_na_base_pair_step.j_symmetry_2 
_ndb_struct_na_base_pair_step.shift 
_ndb_struct_na_base_pair_step.slide 
_ndb_struct_na_base_pair_step.rise 
_ndb_struct_na_base_pair_step.tilt 
_ndb_struct_na_base_pair_step.roll 
_ndb_struct_na_base_pair_step.twist 
_ndb_struct_na_base_pair_step.x_displacement 
_ndb_struct_na_base_pair_step.y_displacement 
_ndb_struct_na_base_pair_step.helical_rise 
_ndb_struct_na_base_pair_step.inclination 
_ndb_struct_na_base_pair_step.tip 
_ndb_struct_na_base_pair_step.helical_twist 
_ndb_struct_na_base_pair_step.step_number 
_ndb_struct_na_base_pair_step.step_name 
_ndb_struct_na_base_pair_step.i_auth_asym_id_1 
_ndb_struct_na_base_pair_step.i_auth_seq_id_1 
_ndb_struct_na_base_pair_step.i_PDB_ins_code_1 
_ndb_struct_na_base_pair_step.j_auth_asym_id_1 
_ndb_struct_na_base_pair_step.j_auth_seq_id_1 
_ndb_struct_na_base_pair_step.j_PDB_ins_code_1 
_ndb_struct_na_base_pair_step.i_auth_asym_id_2 
_ndb_struct_na_base_pair_step.i_auth_seq_id_2 
_ndb_struct_na_base_pair_step.i_PDB_ins_code_2 
_ndb_struct_na_base_pair_step.j_auth_asym_id_2 
_ndb_struct_na_base_pair_step.j_auth_seq_id_2 
_ndb_struct_na_base_pair_step.j_PDB_ins_code_2 
1 A DC 1 1_555 B DG 12 1_555 A DG 2 1_555 B DC 11 1_555 -0.291 5.299  -3.527 -2.203   -1.153   9.257   28.973 6.980   -3.976 
-6.980  13.338  9.585    1 AA_DC1DG2:DC11DG12_BB A 1 ? B 12 ? A 2 ? B 11 ? 
1 A DG 2 1_555 B DC 11 1_555 A DC 3 1_555 B DG 10 1_555 0.409  -1.069 -3.154 -0.075   -7.391   51.867  -1.671 -0.459  -2.987 
-8.402  0.085   52.355   2 AA_DG2DC3:DG10DC11_BB A 2 ? B 11 ? A 3 ? B 10 ? 
1 A DC 3 1_555 B DG 10 1_555 A DG 4 1_555 B DC 9  1_555 -0.045 5.661  -4.181 6.030    -0.263   5.728   38.083 -21.190 -3.092 
-2.030  -46.497 8.319    3 AA_DC3DG4:DC9DG10_BB  A 3 ? B 10 ? A 4 ? B 9  ? 
1 A DG 4 1_555 B DC 9  1_555 A DA 5 1_555 B DT 8  1_555 3.023  -2.188 2.916  2.658    168.870  84.076  -1.828 -1.504  0.371  
86.263  -1.358  171.755  4 AA_DG4DA5:DT8DC9_BB   A 4 ? B 9  ? A 5 ? B 8  ? 
1 A DA 5 1_555 B DT 8  1_555 B DA 5 1_555 A DT 8  1_555 -1.010 -6.477 -2.646 -110.473 -139.649 131.392 -3.467 0.686   -0.063 
-69.892 55.290  179.202  5 AB_DA5DA5:DT8DT8_AB   A 5 ? B 8  ? B 5 ? A 8  ? 
1 B DA 5 1_555 A DT 8  1_555 B DG 4 1_555 A DC 9  1_555 -2.964 2.160  -2.953 -2.768   -169.096 -82.008 -1.836 -1.474  -0.352 
86.413  -1.415  -171.794 6 BB_DA5DG4:DC9DT8_AA   B 5 ? A 8  ? B 4 ? A 9  ? 
1 B DG 4 1_555 A DC 9  1_555 B DC 3 1_555 A DG 10 1_555 0.039  -5.504 4.087  -5.301   -0.009   -4.726  44.485 -24.388 2.743  0.080 
-48.311 -7.100   7 BB_DG4DC3:DG10DC9_AA  B 4 ? A 9  ? B 3 ? A 10 ? 
1 B DC 3 1_555 A DG 10 1_555 B DG 2 1_555 A DC 11 1_555 -0.143 0.988  3.249  -1.419   6.814    -53.154 -1.514 -0.246  3.106  
-7.578  -1.578  -53.575  8 BB_DC3DG2:DC11DG10_AA B 3 ? A 10 ? B 2 ? A 11 ? 
1 B DG 2 1_555 A DC 11 1_555 B DC 1 1_555 A DG 12 1_555 0.361  -5.209 3.479  4.300    -0.603   -9.874  28.680 8.805   2.752  3.302 
23.542  -10.785  9 BB_DG2DC1:DG12DC11_AA B 2 ? A 11 ? B 1 ? A 12 ? 
# 
_pdbx_entity_nonpoly.entity_id   2 
_pdbx_entity_nonpoly.name        water 
_pdbx_entity_nonpoly.comp_id     HOH 
# 
_pdbx_initial_refinement_model.id               1 
_pdbx_initial_refinement_model.entity_id_list   ? 
_pdbx_initial_refinement_model.type             'experimental model' 
_pdbx_initial_refinement_model.source_name      PDB 
_pdbx_initial_refinement_model.accession_code   4L26 
_pdbx_initial_refinement_model.details          ? 
# 
